data_4R6B
#
_entry.id   4R6B
#
_cell.length_a   86.701
_cell.length_b   96.350
_cell.length_c   139.426
_cell.angle_alpha   90.00
_cell.angle_beta   90.00
_cell.angle_gamma   90.00
#
_symmetry.space_group_name_H-M   'P 21 21 21'
#
loop_
_entity.id
_entity.type
_entity.pdbx_description
1 polymer 'Green to red photoconvertible GFP-like protein EosFP'
2 non-polymer 'SULFATE ION'
3 non-polymer 'SULFITE ION'
4 water water
#
_entity_poly.entity_id   1
_entity_poly.type   'polypeptide(L)'
_entity_poly.pdbx_seq_one_letter_code
;HHHHHHMSAIKPDMKINLRMEGNVNGHHFVIDGDGTGKPFEGKQSMDLEVKEGGPLPFAFDILTTAF(CR8)NRVFAEYP
DHIQDYFKQSFPKGYSWERSLTFEDGGICIARNDITMEGDTFYNKVRFHGVNFPANGPVMQKKTLKWEPSTEKMYVRDGV
LTGDITAALLLEGNAHYRCDSRTTYKAKEKGVKLPGYHLVDHCIEILSHDKDYNKVKLYEHAVAHSGLPDNARR
;
_entity_poly.pdbx_strand_id   A,B,C,D
#
loop_
_chem_comp.id
_chem_comp.type
_chem_comp.name
_chem_comp.formula
SO3 non-polymer 'SULFITE ION' 'O3 S -2'
SO4 non-polymer 'SULFATE ION' 'O4 S -2'
#
# COMPACT_ATOMS: atom_id res chain seq x y z
N MET A 7 -23.75 7.01 -39.30
CA MET A 7 -23.22 8.06 -38.45
C MET A 7 -22.17 7.54 -37.46
N SER A 8 -22.44 6.39 -36.87
CA SER A 8 -21.69 5.85 -35.73
C SER A 8 -20.18 5.72 -35.93
N ALA A 9 -19.42 6.25 -34.97
CA ALA A 9 -17.97 6.16 -34.98
C ALA A 9 -17.50 4.71 -34.81
N ILE A 10 -18.27 3.94 -34.03
CA ILE A 10 -17.88 2.57 -33.73
C ILE A 10 -18.46 1.59 -34.75
N LYS A 11 -17.58 0.92 -35.48
CA LYS A 11 -17.95 -0.09 -36.46
C LYS A 11 -17.84 -1.48 -35.84
N PRO A 12 -18.61 -2.46 -36.36
CA PRO A 12 -18.56 -3.85 -35.91
C PRO A 12 -17.16 -4.47 -35.98
N ASP A 13 -16.44 -4.21 -37.06
CA ASP A 13 -15.09 -4.73 -37.22
C ASP A 13 -14.09 -3.60 -37.39
N MET A 14 -13.17 -3.45 -36.44
CA MET A 14 -12.22 -2.35 -36.48
C MET A 14 -10.77 -2.81 -36.39
N LYS A 15 -9.87 -2.00 -36.95
CA LYS A 15 -8.45 -2.32 -36.95
C LYS A 15 -7.74 -1.58 -35.83
N ILE A 16 -6.64 -2.16 -35.35
CA ILE A 16 -5.91 -1.55 -34.25
C ILE A 16 -4.46 -1.30 -34.66
N ASN A 17 -4.03 -0.04 -34.59
CA ASN A 17 -2.65 0.33 -34.83
C ASN A 17 -2.04 0.83 -33.52
N LEU A 18 -0.94 0.22 -33.11
CA LEU A 18 -0.33 0.55 -31.83
C LEU A 18 1.17 0.69 -31.93
N ARG A 19 1.69 1.67 -31.18
CA ARG A 19 3.11 1.92 -31.09
C ARG A 19 3.47 2.11 -29.61
N MET A 20 4.25 1.20 -29.06
CA MET A 20 4.67 1.32 -27.66
C MET A 20 6.17 1.58 -27.58
N GLU A 21 6.54 2.56 -26.76
CA GLU A 21 7.93 2.78 -26.39
C GLU A 21 8.03 2.77 -24.87
N GLY A 22 9.07 2.15 -24.36
CA GLY A 22 9.15 1.96 -22.93
C GLY A 22 10.52 1.70 -22.36
N ASN A 23 10.58 1.68 -21.04
CA ASN A 23 11.82 1.41 -20.34
C ASN A 23 11.49 0.65 -19.04
N VAL A 24 11.96 -0.58 -18.96
CA VAL A 24 11.79 -1.37 -17.75
C VAL A 24 13.16 -1.69 -17.18
N ASN A 25 13.36 -1.35 -15.91
CA ASN A 25 14.63 -1.58 -15.22
C ASN A 25 15.84 -1.02 -15.97
N GLY A 26 15.63 0.04 -16.75
CA GLY A 26 16.72 0.67 -17.46
C GLY A 26 16.90 0.14 -18.88
N HIS A 27 16.09 -0.84 -19.26
CA HIS A 27 16.15 -1.42 -20.59
C HIS A 27 15.07 -0.82 -21.48
N HIS A 28 15.49 -0.01 -22.46
CA HIS A 28 14.58 0.64 -23.40
C HIS A 28 14.09 -0.34 -24.46
N PHE A 29 12.89 -0.10 -24.97
CA PHE A 29 12.33 -0.95 -26.01
C PHE A 29 11.27 -0.25 -26.83
N VAL A 30 11.08 -0.71 -28.06
CA VAL A 30 10.01 -0.24 -28.93
C VAL A 30 9.25 -1.45 -29.44
N ILE A 31 7.92 -1.40 -29.37
CA ILE A 31 7.09 -2.51 -29.81
C ILE A 31 5.94 -1.99 -30.67
N ASP A 32 5.76 -2.58 -31.86
CA ASP A 32 4.63 -2.25 -32.71
C ASP A 32 3.57 -3.34 -32.62
N GLY A 33 2.31 -2.93 -32.68
CA GLY A 33 1.20 -3.86 -32.70
C GLY A 33 0.27 -3.55 -33.86
N ASP A 34 -0.27 -4.61 -34.46
CA ASP A 34 -1.25 -4.47 -35.53
C ASP A 34 -2.30 -5.55 -35.30
N GLY A 35 -3.55 -5.13 -35.13
CA GLY A 35 -4.60 -6.07 -34.78
C GLY A 35 -5.96 -5.72 -35.33
N THR A 36 -6.95 -6.53 -34.95
CA THR A 36 -8.34 -6.33 -35.36
C THR A 36 -9.25 -6.65 -34.17
N GLY A 37 -10.46 -6.11 -34.16
CA GLY A 37 -11.34 -6.38 -33.06
C GLY A 37 -12.81 -6.12 -33.33
N LYS A 38 -13.66 -6.66 -32.46
CA LYS A 38 -15.09 -6.44 -32.51
C LYS A 38 -15.55 -5.72 -31.24
N PRO A 39 -15.65 -4.38 -31.31
CA PRO A 39 -15.97 -3.55 -30.13
C PRO A 39 -17.21 -4.00 -29.39
N PHE A 40 -18.28 -4.33 -30.11
CA PHE A 40 -19.55 -4.70 -29.49
C PHE A 40 -19.54 -6.09 -28.85
N GLU A 41 -18.53 -6.88 -29.20
CA GLU A 41 -18.39 -8.22 -28.64
C GLU A 41 -17.27 -8.24 -27.59
N GLY A 42 -16.58 -7.11 -27.47
CA GLY A 42 -15.50 -6.99 -26.50
C GLY A 42 -14.34 -7.92 -26.76
N LYS A 43 -14.04 -8.17 -28.03
CA LYS A 43 -12.96 -9.09 -28.40
C LYS A 43 -11.96 -8.45 -29.36
N GLN A 44 -10.68 -8.61 -29.07
CA GLN A 44 -9.63 -8.11 -29.96
C GLN A 44 -8.40 -9.02 -29.94
N SER A 45 -7.70 -9.05 -31.06
CA SER A 45 -6.47 -9.81 -31.19
C SER A 45 -5.44 -8.91 -31.86
N MET A 46 -4.17 -9.04 -31.49
CA MET A 46 -3.14 -8.16 -32.02
C MET A 46 -1.82 -8.91 -32.22
N ASP A 47 -1.15 -8.64 -33.33
CA ASP A 47 0.18 -9.20 -33.56
C ASP A 47 1.23 -8.17 -33.17
N LEU A 48 2.07 -8.53 -32.20
CA LEU A 48 3.07 -7.62 -31.65
C LEU A 48 4.47 -7.97 -32.14
N GLU A 49 5.27 -6.96 -32.42
CA GLU A 49 6.64 -7.17 -32.86
C GLU A 49 7.62 -6.22 -32.18
N VAL A 50 8.59 -6.78 -31.46
CA VAL A 50 9.59 -5.96 -30.80
C VAL A 50 10.56 -5.40 -31.84
N LYS A 51 10.52 -4.07 -32.03
CA LYS A 51 11.32 -3.40 -33.04
C LYS A 51 12.70 -3.02 -32.48
N GLU A 52 12.73 -2.62 -31.22
CA GLU A 52 13.97 -2.26 -30.55
C GLU A 52 14.01 -2.89 -29.17
N GLY A 53 15.19 -3.34 -28.73
CA GLY A 53 15.35 -3.83 -27.38
C GLY A 53 15.15 -5.32 -27.20
N GLY A 54 14.94 -6.04 -28.29
CA GLY A 54 14.82 -7.48 -28.24
C GLY A 54 16.18 -8.14 -28.15
N PRO A 55 16.27 -9.26 -27.40
CA PRO A 55 15.16 -9.89 -26.68
C PRO A 55 14.88 -9.20 -25.34
N LEU A 56 13.62 -8.96 -25.04
CA LEU A 56 13.25 -8.34 -23.76
C LEU A 56 13.77 -9.17 -22.58
N PRO A 57 14.53 -8.51 -21.69
CA PRO A 57 15.11 -9.16 -20.50
C PRO A 57 14.10 -9.41 -19.39
N PHE A 58 12.85 -9.04 -19.61
CA PHE A 58 11.80 -9.20 -18.61
C PHE A 58 10.58 -9.92 -19.18
N ALA A 59 9.72 -10.40 -18.30
CA ALA A 59 8.48 -11.08 -18.67
C ALA A 59 7.58 -10.20 -19.54
N PHE A 60 7.25 -10.69 -20.73
CA PHE A 60 6.37 -9.95 -21.65
C PHE A 60 4.97 -9.70 -21.06
N ASP A 61 4.53 -10.60 -20.18
CA ASP A 61 3.19 -10.49 -19.60
C ASP A 61 2.91 -9.15 -18.91
N ILE A 62 3.93 -8.53 -18.33
CA ILE A 62 3.69 -7.26 -17.62
C ILE A 62 3.28 -6.16 -18.57
N LEU A 63 3.52 -6.36 -19.87
CA LEU A 63 3.20 -5.35 -20.88
C LEU A 63 1.80 -5.49 -21.46
N THR A 64 1.21 -6.67 -21.33
CA THR A 64 0.08 -7.03 -22.18
C THR A 64 -1.22 -6.26 -21.94
N THR A 65 -1.47 -5.84 -20.70
CA THR A 65 -2.68 -5.06 -20.44
C THR A 65 -2.52 -3.62 -20.95
N ALA A 66 -1.31 -3.24 -21.32
CA ALA A 66 -1.09 -1.93 -21.95
C ALA A 66 -1.34 -2.01 -23.46
N PHE A 67 -1.25 -3.21 -24.01
CA PHE A 67 -1.58 -3.43 -25.41
C PHE A 67 -3.09 -3.56 -25.58
C11 CR8 A 68 -6.90 -7.66 -17.68
C12 CR8 A 68 -6.80 -7.72 -19.07
C4 CR8 A 68 -7.03 -6.44 -17.04
C5 CR8 A 68 -7.06 -5.27 -17.80
C6 CR8 A 68 -6.82 -6.56 -19.83
C7 CR8 A 68 -6.94 -5.32 -19.19
C8 CR8 A 68 -6.99 -4.04 -19.94
CA2 CR8 A 68 -6.44 -3.76 -21.29
C10 CR8 A 68 -4.89 -6.68 -28.18
O13 CR8 A 68 -6.89 -8.72 -17.00
N11 CR8 A 68 -5.13 -7.94 -27.75
C2 CR8 A 68 -6.22 -2.52 -21.85
N3 CR8 A 68 -5.72 -2.65 -23.08
C1 CR8 A 68 -5.62 -3.98 -23.28
N2 CR8 A 68 -6.07 -4.69 -22.19
C20 CR8 A 68 -5.47 -6.06 -24.61
C21 CR8 A 68 -5.28 -6.58 -26.02
N22 CR8 A 68 -4.98 -5.85 -27.11
C23 CR8 A 68 -5.36 -7.91 -26.43
O2 CR8 A 68 -6.48 -1.41 -21.24
N1 CR8 A 68 -3.65 -4.46 -24.52
CA1 CR8 A 68 -5.10 -4.58 -24.53
C3 CR8 A 68 -6.20 -0.37 -23.98
CA3 CR8 A 68 -5.32 -1.60 -24.03
O3 CR8 A 68 -5.89 0.63 -24.61
N ASN A 69 -7.47 -0.98 -24.49
CA ASN A 69 -8.52 -0.13 -25.05
C ASN A 69 -9.90 -0.64 -24.64
N ARG A 70 -10.50 -0.01 -23.63
CA ARG A 70 -11.77 -0.48 -23.08
C ARG A 70 -12.95 -0.27 -24.03
N VAL A 71 -12.66 0.23 -25.22
CA VAL A 71 -13.70 0.31 -26.24
C VAL A 71 -14.02 -1.12 -26.70
N PHE A 72 -13.07 -2.02 -26.53
CA PHE A 72 -13.30 -3.43 -26.82
C PHE A 72 -13.80 -4.13 -25.56
N ALA A 73 -15.07 -3.92 -25.25
CA ALA A 73 -15.72 -4.51 -24.09
C ALA A 73 -17.21 -4.58 -24.38
N GLU A 74 -17.84 -5.72 -24.10
CA GLU A 74 -19.29 -5.81 -24.33
C GLU A 74 -20.03 -5.09 -23.22
N TYR A 75 -20.63 -3.94 -23.56
CA TYR A 75 -21.41 -3.17 -22.61
C TYR A 75 -22.90 -3.40 -22.81
N PRO A 76 -23.60 -3.81 -21.73
CA PRO A 76 -25.05 -4.00 -21.81
C PRO A 76 -25.79 -2.65 -21.76
N ASP A 77 -27.05 -2.65 -22.17
CA ASP A 77 -27.85 -1.41 -22.30
C ASP A 77 -27.97 -0.56 -21.04
N HIS A 78 -27.90 -1.19 -19.87
CA HIS A 78 -28.19 -0.50 -18.62
C HIS A 78 -26.94 0.12 -17.98
N ILE A 79 -25.80 -0.04 -18.64
CA ILE A 79 -24.56 0.60 -18.18
C ILE A 79 -24.06 1.57 -19.25
N GLN A 80 -23.69 2.78 -18.83
CA GLN A 80 -23.16 3.77 -19.77
C GLN A 80 -21.82 3.30 -20.32
N ASP A 81 -21.70 3.32 -21.65
CA ASP A 81 -20.45 2.95 -22.30
C ASP A 81 -19.64 4.21 -22.56
N TYR A 82 -18.85 4.62 -21.57
CA TYR A 82 -18.01 5.81 -21.65
C TYR A 82 -17.06 5.76 -22.85
N PHE A 83 -16.64 4.56 -23.19
CA PHE A 83 -15.54 4.38 -24.13
C PHE A 83 -16.00 4.48 -25.58
N LYS A 84 -17.12 3.85 -25.89
CA LYS A 84 -17.69 3.98 -27.23
C LYS A 84 -18.23 5.38 -27.45
N GLN A 85 -18.58 6.06 -26.36
CA GLN A 85 -19.05 7.46 -26.43
C GLN A 85 -17.91 8.47 -26.60
N SER A 86 -16.67 8.01 -26.49
CA SER A 86 -15.52 8.90 -26.57
C SER A 86 -15.00 9.09 -27.98
N PHE A 87 -15.63 8.43 -28.94
CA PHE A 87 -15.18 8.52 -30.33
C PHE A 87 -16.19 9.27 -31.18
N PRO A 88 -15.75 9.87 -32.30
CA PRO A 88 -14.46 9.76 -32.99
C PRO A 88 -13.25 10.47 -32.35
N LYS A 89 -13.45 11.40 -31.44
CA LYS A 89 -12.33 12.18 -30.89
C LYS A 89 -11.30 11.33 -30.13
N GLY A 90 -11.79 10.34 -29.41
CA GLY A 90 -10.91 9.44 -28.68
C GLY A 90 -10.83 9.76 -27.19
N TYR A 91 -9.98 9.01 -26.49
CA TYR A 91 -9.77 9.19 -25.07
C TYR A 91 -8.36 8.73 -24.77
N SER A 92 -7.90 8.98 -23.55
CA SER A 92 -6.58 8.50 -23.13
C SER A 92 -6.70 7.87 -21.76
N TRP A 93 -5.75 7.01 -21.41
CA TRP A 93 -5.70 6.47 -20.06
C TRP A 93 -4.31 6.49 -19.46
N GLU A 94 -4.26 6.56 -18.14
CA GLU A 94 -3.01 6.45 -17.40
C GLU A 94 -3.18 5.30 -16.42
N ARG A 95 -2.10 4.57 -16.15
CA ARG A 95 -2.23 3.38 -15.31
C ARG A 95 -1.04 3.18 -14.39
N SER A 96 -1.29 2.72 -13.18
CA SER A 96 -0.19 2.25 -12.34
C SER A 96 -0.33 0.76 -12.05
N LEU A 97 0.79 0.05 -12.13
CA LEU A 97 0.85 -1.37 -11.83
C LEU A 97 1.79 -1.56 -10.65
N THR A 98 1.22 -1.85 -9.47
CA THR A 98 2.01 -2.05 -8.27
C THR A 98 2.10 -3.53 -7.97
N PHE A 99 3.29 -4.09 -8.18
CA PHE A 99 3.51 -5.51 -7.96
C PHE A 99 3.90 -5.75 -6.51
N GLU A 100 3.65 -6.95 -6.00
CA GLU A 100 3.81 -7.20 -4.58
C GLU A 100 5.27 -7.22 -4.09
N ASP A 101 6.22 -7.42 -5.01
CA ASP A 101 7.63 -7.44 -4.61
C ASP A 101 8.33 -6.10 -4.83
N GLY A 102 7.54 -5.03 -4.95
CA GLY A 102 8.10 -3.70 -5.02
C GLY A 102 8.24 -3.14 -6.43
N GLY A 103 8.19 -4.00 -7.43
CA GLY A 103 8.23 -3.56 -8.82
C GLY A 103 7.04 -2.67 -9.11
N ILE A 104 7.28 -1.53 -9.76
CA ILE A 104 6.21 -0.59 -10.06
C ILE A 104 6.28 -0.10 -11.50
N CYS A 105 5.15 -0.15 -12.20
CA CYS A 105 5.05 0.35 -13.56
C CYS A 105 3.99 1.41 -13.68
N ILE A 106 4.24 2.41 -14.52
CA ILE A 106 3.17 3.28 -14.98
C ILE A 106 3.10 3.21 -16.49
N ALA A 107 1.92 3.48 -17.03
CA ALA A 107 1.73 3.40 -18.48
C ALA A 107 0.72 4.44 -18.95
N ARG A 108 0.80 4.80 -20.22
CA ARG A 108 -0.14 5.75 -20.81
C ARG A 108 -0.52 5.27 -22.19
N ASN A 109 -1.72 5.63 -22.62
CA ASN A 109 -2.14 5.37 -24.00
C ASN A 109 -3.05 6.49 -24.46
N ASP A 110 -2.68 7.13 -25.57
CA ASP A 110 -3.53 8.13 -26.19
C ASP A 110 -4.20 7.48 -27.40
N ILE A 111 -5.53 7.38 -27.35
CA ILE A 111 -6.26 6.62 -28.35
C ILE A 111 -7.05 7.54 -29.28
N THR A 112 -6.69 7.51 -30.56
CA THR A 112 -7.42 8.24 -31.59
C THR A 112 -8.00 7.26 -32.59
N MET A 113 -8.83 7.75 -33.50
CA MET A 113 -9.48 6.91 -34.49
C MET A 113 -9.50 7.60 -35.85
N GLU A 114 -9.30 6.83 -36.91
CA GLU A 114 -9.53 7.32 -38.27
C GLU A 114 -10.14 6.19 -39.09
N GLY A 115 -11.35 6.41 -39.57
CA GLY A 115 -12.07 5.39 -40.33
C GLY A 115 -12.36 4.18 -39.46
N ASP A 116 -11.88 3.01 -39.87
CA ASP A 116 -12.10 1.79 -39.12
C ASP A 116 -10.92 1.41 -38.23
N THR A 117 -10.02 2.37 -38.00
CA THR A 117 -8.78 2.06 -37.29
C THR A 117 -8.56 2.91 -36.05
N PHE A 118 -8.30 2.24 -34.92
CA PHE A 118 -7.83 2.91 -33.71
C PHE A 118 -6.31 3.06 -33.76
N TYR A 119 -5.84 4.23 -33.33
CA TYR A 119 -4.40 4.47 -33.23
C TYR A 119 -4.02 4.64 -31.78
N ASN A 120 -2.96 3.93 -31.36
CA ASN A 120 -2.57 3.86 -29.96
C ASN A 120 -1.12 4.27 -29.73
N LYS A 121 -0.95 5.41 -29.06
CA LYS A 121 0.37 5.89 -28.66
C LYS A 121 0.57 5.50 -27.22
N VAL A 122 1.40 4.48 -26.98
CA VAL A 122 1.54 3.88 -25.67
C VAL A 122 2.96 4.10 -25.08
N ARG A 123 3.03 4.38 -23.78
CA ARG A 123 4.30 4.47 -23.09
C ARG A 123 4.26 3.58 -21.85
N PHE A 124 5.39 2.94 -21.52
CA PHE A 124 5.43 2.01 -20.42
C PHE A 124 6.76 2.12 -19.68
N HIS A 125 6.72 2.45 -18.40
CA HIS A 125 7.95 2.52 -17.61
C HIS A 125 7.82 1.70 -16.34
N GLY A 126 8.78 0.81 -16.10
CA GLY A 126 8.78 0.01 -14.89
C GLY A 126 10.11 0.07 -14.15
N VAL A 127 10.06 0.17 -12.81
CA VAL A 127 11.29 0.24 -12.04
C VAL A 127 11.26 -0.72 -10.85
N ASN A 128 12.42 -0.93 -10.24
CA ASN A 128 12.53 -1.66 -8.97
C ASN A 128 12.09 -3.13 -8.98
N PHE A 129 12.12 -3.77 -10.14
CA PHE A 129 11.93 -5.21 -10.21
C PHE A 129 13.23 -5.88 -9.78
N PRO A 130 13.16 -6.77 -8.79
CA PRO A 130 14.35 -7.47 -8.29
C PRO A 130 14.89 -8.50 -9.28
N ALA A 131 16.20 -8.70 -9.30
CA ALA A 131 16.83 -9.62 -10.24
C ALA A 131 16.35 -11.06 -10.06
N ASN A 132 16.01 -11.44 -8.84
CA ASN A 132 15.56 -12.80 -8.54
C ASN A 132 14.05 -12.98 -8.59
N GLY A 133 13.33 -11.93 -8.98
CA GLY A 133 11.88 -11.95 -9.04
C GLY A 133 11.35 -12.57 -10.33
N PRO A 134 10.05 -12.88 -10.36
CA PRO A 134 9.40 -13.60 -11.47
C PRO A 134 9.43 -12.83 -12.78
N VAL A 135 9.54 -11.50 -12.70
CA VAL A 135 9.53 -10.67 -13.89
C VAL A 135 10.88 -10.72 -14.60
N MET A 136 11.96 -10.48 -13.86
CA MET A 136 13.30 -10.52 -14.45
C MET A 136 13.77 -11.95 -14.69
N GLN A 137 13.13 -12.92 -14.04
CA GLN A 137 13.43 -14.33 -14.27
C GLN A 137 12.51 -14.96 -15.31
N LYS A 138 11.54 -14.19 -15.79
CA LYS A 138 10.58 -14.66 -16.78
C LYS A 138 9.89 -15.96 -16.36
N LYS A 139 9.30 -15.95 -15.17
CA LYS A 139 8.62 -17.12 -14.65
C LYS A 139 7.10 -16.97 -14.71
N THR A 140 6.61 -15.96 -15.44
CA THR A 140 5.17 -15.74 -15.56
C THR A 140 4.59 -16.65 -16.64
N LEU A 141 3.36 -17.09 -16.41
CA LEU A 141 2.68 -17.93 -17.39
C LEU A 141 1.53 -17.18 -18.08
N LYS A 142 0.75 -16.43 -17.31
CA LYS A 142 -0.38 -15.68 -17.84
C LYS A 142 -0.99 -14.80 -16.75
N TRP A 143 -1.79 -13.81 -17.16
CA TRP A 143 -2.65 -13.11 -16.21
C TRP A 143 -3.85 -14.02 -16.00
N GLU A 144 -4.33 -14.10 -14.77
CA GLU A 144 -5.56 -14.83 -14.49
C GLU A 144 -6.73 -13.94 -14.90
N PRO A 145 -7.90 -14.55 -15.17
CA PRO A 145 -9.11 -13.77 -15.47
C PRO A 145 -9.40 -12.79 -14.34
N SER A 146 -9.62 -11.54 -14.67
CA SER A 146 -9.76 -10.51 -13.64
C SER A 146 -11.12 -9.83 -13.71
N THR A 147 -11.42 -9.05 -12.69
CA THR A 147 -12.63 -8.23 -12.69
C THR A 147 -12.23 -6.82 -12.29
N GLU A 148 -12.41 -5.89 -13.22
CA GLU A 148 -12.04 -4.51 -12.98
C GLU A 148 -13.20 -3.78 -12.31
N LYS A 149 -12.91 -3.00 -11.27
CA LYS A 149 -13.94 -2.23 -10.58
C LYS A 149 -13.94 -0.80 -11.09
N MET A 150 -15.01 -0.44 -11.79
CA MET A 150 -15.13 0.86 -12.44
C MET A 150 -15.94 1.84 -11.60
N TYR A 151 -15.38 3.03 -11.36
CA TYR A 151 -16.06 4.05 -10.57
C TYR A 151 -15.48 5.43 -10.86
N VAL A 152 -16.17 6.47 -10.42
CA VAL A 152 -15.74 7.84 -10.63
C VAL A 152 -15.06 8.37 -9.37
N ARG A 153 -13.89 8.98 -9.56
CA ARG A 153 -13.21 9.68 -8.48
C ARG A 153 -12.64 11.00 -8.97
N ASP A 154 -13.06 12.09 -8.33
CA ASP A 154 -12.70 13.46 -8.73
C ASP A 154 -12.99 13.69 -10.21
N GLY A 155 -14.22 13.36 -10.62
CA GLY A 155 -14.69 13.65 -11.96
C GLY A 155 -14.07 12.78 -13.05
N VAL A 156 -13.28 11.79 -12.64
CA VAL A 156 -12.60 10.93 -13.62
C VAL A 156 -12.97 9.46 -13.41
N LEU A 157 -13.34 8.78 -14.49
CA LEU A 157 -13.64 7.35 -14.43
C LEU A 157 -12.38 6.59 -14.06
N THR A 158 -12.47 5.72 -13.06
CA THR A 158 -11.32 5.02 -12.50
C THR A 158 -11.57 3.51 -12.45
N GLY A 159 -10.56 2.72 -12.77
CA GLY A 159 -10.68 1.27 -12.71
C GLY A 159 -9.58 0.63 -11.88
N ASP A 160 -9.99 -0.10 -10.84
CA ASP A 160 -9.06 -0.80 -9.95
C ASP A 160 -9.19 -2.32 -10.13
N ILE A 161 -8.06 -3.02 -10.13
CA ILE A 161 -8.06 -4.47 -10.29
C ILE A 161 -7.10 -5.11 -9.30
N THR A 162 -7.56 -6.13 -8.58
CA THR A 162 -6.62 -6.99 -7.87
C THR A 162 -6.23 -8.09 -8.84
N ALA A 163 -5.10 -7.90 -9.50
CA ALA A 163 -4.70 -8.80 -10.57
C ALA A 163 -3.72 -9.85 -10.07
N ALA A 164 -3.54 -10.89 -10.87
CA ALA A 164 -2.62 -11.97 -10.51
C ALA A 164 -1.99 -12.57 -11.75
N LEU A 165 -0.67 -12.74 -11.71
CA LEU A 165 0.03 -13.48 -12.75
C LEU A 165 0.24 -14.91 -12.27
N LEU A 166 -0.18 -15.89 -13.06
CA LEU A 166 0.14 -17.27 -12.74
C LEU A 166 1.62 -17.49 -13.02
N LEU A 167 2.34 -18.06 -12.05
CA LEU A 167 3.77 -18.33 -12.21
C LEU A 167 4.02 -19.80 -12.55
N GLU A 168 5.23 -20.09 -13.01
CA GLU A 168 5.67 -21.49 -13.15
C GLU A 168 5.71 -22.07 -11.74
N GLY A 169 5.19 -23.28 -11.56
CA GLY A 169 5.13 -23.88 -10.25
C GLY A 169 3.81 -23.60 -9.53
N ASN A 170 2.82 -23.16 -10.31
CA ASN A 170 1.49 -22.84 -9.79
C ASN A 170 1.45 -21.96 -8.54
N ALA A 171 2.30 -20.94 -8.53
CA ALA A 171 2.22 -19.88 -7.54
C ALA A 171 1.63 -18.65 -8.22
N HIS A 172 1.21 -17.68 -7.43
CA HIS A 172 0.72 -16.44 -8.02
C HIS A 172 1.54 -15.22 -7.62
N TYR A 173 1.47 -14.20 -8.46
CA TYR A 173 2.26 -13.00 -8.31
C TYR A 173 1.24 -11.86 -8.43
N ARG A 174 1.08 -11.09 -7.36
CA ARG A 174 -0.01 -10.13 -7.29
C ARG A 174 0.36 -8.76 -7.83
N CYS A 175 -0.60 -8.14 -8.50
CA CYS A 175 -0.43 -6.79 -9.02
C CYS A 175 -1.71 -6.00 -8.77
N ASP A 176 -1.57 -4.82 -8.18
CA ASP A 176 -2.68 -3.90 -8.03
C ASP A 176 -2.64 -2.85 -9.14
N SER A 177 -3.69 -2.83 -9.94
CA SER A 177 -3.75 -1.98 -11.11
C SER A 177 -4.77 -0.87 -10.94
N ARG A 178 -4.35 0.38 -11.17
CA ARG A 178 -5.29 1.50 -11.22
C ARG A 178 -5.19 2.25 -12.53
N THR A 179 -6.31 2.36 -13.22
CA THR A 179 -6.35 3.09 -14.46
C THR A 179 -7.29 4.28 -14.34
N THR A 180 -6.87 5.43 -14.85
CA THR A 180 -7.76 6.57 -14.98
C THR A 180 -8.07 6.78 -16.46
N TYR A 181 -9.35 6.99 -16.77
CA TYR A 181 -9.79 7.14 -18.16
C TYR A 181 -10.39 8.52 -18.38
N LYS A 182 -9.92 9.23 -19.39
CA LYS A 182 -10.39 10.59 -19.66
C LYS A 182 -10.74 10.76 -21.13
N ALA A 183 -12.00 11.08 -21.43
CA ALA A 183 -12.38 11.37 -22.79
C ALA A 183 -11.78 12.68 -23.27
N LYS A 184 -11.48 12.75 -24.57
CA LYS A 184 -10.91 13.95 -25.17
C LYS A 184 -11.95 15.08 -25.21
N GLU A 185 -13.17 14.73 -25.56
CA GLU A 185 -14.26 15.69 -25.74
C GLU A 185 -14.89 16.01 -24.39
N LYS A 186 -15.28 17.28 -24.20
CA LYS A 186 -16.05 17.67 -23.04
C LYS A 186 -17.46 17.11 -23.14
N GLY A 187 -18.12 16.90 -22.01
CA GLY A 187 -19.50 16.51 -22.02
C GLY A 187 -19.77 15.02 -22.15
N VAL A 188 -18.71 14.21 -22.21
CA VAL A 188 -18.92 12.76 -22.27
C VAL A 188 -19.45 12.27 -20.92
N LYS A 189 -20.65 11.69 -20.94
CA LYS A 189 -21.33 11.31 -19.71
C LYS A 189 -20.61 10.17 -18.97
N LEU A 190 -20.31 10.40 -17.69
CA LEU A 190 -19.66 9.39 -16.86
C LEU A 190 -20.62 8.25 -16.54
N PRO A 191 -20.08 7.02 -16.45
CA PRO A 191 -20.93 5.88 -16.11
C PRO A 191 -21.04 5.77 -14.61
N GLY A 192 -22.02 5.01 -14.13
CA GLY A 192 -22.12 4.72 -12.72
C GLY A 192 -21.19 3.57 -12.39
N TYR A 193 -21.12 3.20 -11.11
CA TYR A 193 -20.32 2.05 -10.71
C TYR A 193 -20.70 0.80 -11.50
N HIS A 194 -19.69 0.08 -11.97
CA HIS A 194 -19.91 -1.22 -12.59
C HIS A 194 -18.64 -2.06 -12.60
N LEU A 195 -18.73 -3.26 -13.17
CA LEU A 195 -17.58 -4.15 -13.28
C LEU A 195 -17.27 -4.47 -14.73
N VAL A 196 -16.00 -4.78 -15.01
CA VAL A 196 -15.63 -5.28 -16.32
C VAL A 196 -14.78 -6.54 -16.15
N ASP A 197 -15.34 -7.68 -16.55
CA ASP A 197 -14.58 -8.93 -16.54
C ASP A 197 -13.57 -8.89 -17.68
N HIS A 198 -12.34 -9.32 -17.41
CA HIS A 198 -11.29 -9.39 -18.42
C HIS A 198 -10.76 -10.80 -18.56
N CYS A 199 -10.37 -11.15 -19.79
CA CYS A 199 -9.60 -12.35 -20.03
C CYS A 199 -8.54 -12.04 -21.08
N ILE A 200 -7.27 -12.09 -20.69
CA ILE A 200 -6.20 -11.79 -21.63
C ILE A 200 -5.27 -12.99 -21.81
N GLU A 201 -4.82 -13.22 -23.03
CA GLU A 201 -4.04 -14.40 -23.35
C GLU A 201 -3.05 -14.17 -24.49
N ILE A 202 -1.78 -14.53 -24.27
CA ILE A 202 -0.82 -14.62 -25.36
C ILE A 202 -1.07 -15.93 -26.10
N LEU A 203 -1.61 -15.84 -27.30
CA LEU A 203 -2.01 -17.04 -28.04
C LEU A 203 -0.80 -17.78 -28.57
N SER A 204 0.22 -17.03 -28.95
CA SER A 204 1.43 -17.61 -29.52
C SER A 204 2.57 -16.61 -29.46
N HIS A 205 3.80 -17.12 -29.46
CA HIS A 205 4.98 -16.28 -29.42
C HIS A 205 6.17 -17.06 -29.94
N ASP A 206 7.20 -16.36 -30.42
CA ASP A 206 8.46 -17.02 -30.75
C ASP A 206 9.24 -17.16 -29.44
N LYS A 207 10.43 -17.78 -29.51
CA LYS A 207 11.14 -18.14 -28.28
C LYS A 207 11.47 -16.96 -27.37
N ASP A 208 11.85 -15.84 -27.97
CA ASP A 208 12.28 -14.67 -27.21
C ASP A 208 11.19 -13.61 -27.04
N TYR A 209 9.99 -13.93 -27.50
CA TYR A 209 8.85 -13.00 -27.44
C TYR A 209 9.11 -11.72 -28.26
N ASN A 210 9.88 -11.86 -29.33
CA ASN A 210 10.07 -10.76 -30.27
C ASN A 210 8.83 -10.60 -31.13
N LYS A 211 8.08 -11.69 -31.25
CA LYS A 211 6.80 -11.69 -31.95
C LYS A 211 5.75 -12.38 -31.08
N VAL A 212 4.67 -11.67 -30.80
CA VAL A 212 3.64 -12.14 -29.88
C VAL A 212 2.27 -11.89 -30.53
N LYS A 213 1.39 -12.89 -30.45
CA LYS A 213 -0.01 -12.71 -30.83
C LYS A 213 -0.81 -12.67 -29.54
N LEU A 214 -1.62 -11.62 -29.39
CA LEU A 214 -2.26 -11.35 -28.11
C LEU A 214 -3.77 -11.29 -28.30
N TYR A 215 -4.52 -11.76 -27.30
CA TYR A 215 -5.98 -11.77 -27.38
C TYR A 215 -6.60 -11.29 -26.07
N GLU A 216 -7.66 -10.50 -26.16
CA GLU A 216 -8.41 -10.12 -24.98
C GLU A 216 -9.91 -10.19 -25.23
N HIS A 217 -10.64 -10.53 -24.17
CA HIS A 217 -12.10 -10.56 -24.18
C HIS A 217 -12.53 -9.83 -22.91
N ALA A 218 -13.49 -8.93 -23.03
CA ALA A 218 -13.96 -8.16 -21.87
C ALA A 218 -15.46 -7.93 -21.90
N VAL A 219 -16.10 -8.03 -20.74
CA VAL A 219 -17.55 -7.90 -20.63
C VAL A 219 -17.88 -7.04 -19.41
N ALA A 220 -18.66 -5.98 -19.63
CA ALA A 220 -19.12 -5.14 -18.53
C ALA A 220 -20.40 -5.73 -17.93
N HIS A 221 -20.54 -5.63 -16.62
CA HIS A 221 -21.74 -6.10 -15.94
C HIS A 221 -21.92 -5.36 -14.62
N SER A 222 -23.05 -5.62 -13.96
CA SER A 222 -23.39 -4.93 -12.72
C SER A 222 -23.14 -5.80 -11.49
N GLY A 223 -22.60 -7.00 -11.71
CA GLY A 223 -22.40 -7.94 -10.63
C GLY A 223 -23.71 -8.57 -10.16
N LEU A 224 -23.67 -9.29 -9.04
CA LEU A 224 -24.84 -9.98 -8.54
C LEU A 224 -25.89 -8.96 -8.06
N PRO A 225 -27.20 -9.33 -8.17
CA PRO A 225 -27.73 -10.59 -8.72
C PRO A 225 -28.02 -10.52 -10.23
N ASP A 226 -27.73 -9.40 -10.84
CA ASP A 226 -28.19 -9.08 -12.19
C ASP A 226 -27.76 -10.17 -13.17
N ASN A 227 -26.69 -10.88 -12.85
CA ASN A 227 -26.12 -11.94 -13.67
C ASN A 227 -27.03 -13.15 -13.78
N SER B 8 -22.71 -34.45 1.95
CA SER B 8 -23.02 -35.10 3.22
C SER B 8 -23.29 -34.08 4.33
N ALA B 9 -22.22 -33.58 4.93
CA ALA B 9 -22.28 -32.73 6.11
C ALA B 9 -23.29 -31.57 6.05
N ILE B 10 -23.35 -30.90 4.90
CA ILE B 10 -24.11 -29.66 4.79
C ILE B 10 -25.50 -29.83 4.14
N LYS B 11 -26.53 -29.37 4.84
CA LYS B 11 -27.92 -29.47 4.36
C LYS B 11 -28.29 -28.28 3.46
N PRO B 12 -29.27 -28.48 2.55
CA PRO B 12 -29.78 -27.45 1.65
C PRO B 12 -30.28 -26.22 2.42
N ASP B 13 -30.83 -26.46 3.61
CA ASP B 13 -31.21 -25.38 4.50
C ASP B 13 -30.43 -25.50 5.80
N MET B 14 -29.92 -24.37 6.27
CA MET B 14 -29.05 -24.36 7.44
C MET B 14 -29.35 -23.15 8.33
N LYS B 15 -29.07 -23.29 9.62
CA LYS B 15 -29.21 -22.17 10.55
C LYS B 15 -27.85 -21.55 10.81
N ILE B 16 -27.85 -20.28 11.20
CA ILE B 16 -26.62 -19.58 11.48
C ILE B 16 -26.71 -18.89 12.84
N ASN B 17 -25.78 -19.25 13.71
CA ASN B 17 -25.68 -18.63 15.02
C ASN B 17 -24.38 -17.86 15.07
N LEU B 18 -24.43 -16.62 15.53
CA LEU B 18 -23.24 -15.78 15.47
C LEU B 18 -23.10 -14.85 16.66
N ARG B 19 -21.89 -14.76 17.19
CA ARG B 19 -21.56 -13.75 18.17
C ARG B 19 -20.35 -12.96 17.68
N MET B 20 -20.48 -11.64 17.63
CA MET B 20 -19.34 -10.79 17.36
C MET B 20 -19.03 -9.95 18.58
N GLU B 21 -17.74 -9.85 18.89
CA GLU B 21 -17.26 -8.96 19.93
C GLU B 21 -16.15 -8.14 19.28
N GLY B 22 -16.11 -6.84 19.55
CA GLY B 22 -15.13 -6.02 18.87
C GLY B 22 -14.88 -4.65 19.46
N ASN B 23 -14.02 -3.91 18.78
CA ASN B 23 -13.65 -2.56 19.20
C ASN B 23 -13.25 -1.75 17.97
N VAL B 24 -13.92 -0.62 17.77
CA VAL B 24 -13.56 0.29 16.69
C VAL B 24 -13.40 1.70 17.23
N ASN B 25 -12.23 2.30 16.97
CA ASN B 25 -11.93 3.66 17.43
C ASN B 25 -12.01 3.77 18.94
N GLY B 26 -11.72 2.67 19.64
CA GLY B 26 -11.77 2.64 21.07
C GLY B 26 -13.14 2.31 21.64
N HIS B 27 -14.12 2.10 20.76
CA HIS B 27 -15.49 1.83 21.22
C HIS B 27 -15.77 0.32 21.19
N HIS B 28 -15.99 -0.26 22.36
CA HIS B 28 -16.26 -1.69 22.47
C HIS B 28 -17.71 -2.01 22.08
N PHE B 29 -17.92 -3.17 21.47
CA PHE B 29 -19.27 -3.59 21.12
C PHE B 29 -19.44 -5.11 21.07
N VAL B 30 -20.65 -5.56 21.36
CA VAL B 30 -21.03 -6.96 21.26
C VAL B 30 -22.28 -7.04 20.39
N ILE B 31 -22.21 -7.81 19.31
CA ILE B 31 -23.35 -7.97 18.41
C ILE B 31 -23.70 -9.45 18.23
N ASP B 32 -24.98 -9.77 18.45
CA ASP B 32 -25.47 -11.13 18.24
C ASP B 32 -26.20 -11.24 16.90
N GLY B 33 -26.18 -12.45 16.33
CA GLY B 33 -26.77 -12.67 15.02
C GLY B 33 -27.47 -14.01 14.94
N ASP B 34 -28.62 -14.01 14.28
CA ASP B 34 -29.40 -15.23 14.09
C ASP B 34 -29.99 -15.21 12.68
N GLY B 35 -29.77 -16.29 11.94
CA GLY B 35 -30.23 -16.33 10.57
C GLY B 35 -30.30 -17.70 9.93
N THR B 36 -30.57 -17.71 8.63
CA THR B 36 -30.74 -18.93 7.87
C THR B 36 -30.16 -18.73 6.49
N GLY B 37 -29.77 -19.82 5.84
CA GLY B 37 -29.18 -19.73 4.52
C GLY B 37 -29.27 -21.02 3.73
N LYS B 38 -29.10 -20.90 2.43
CA LYS B 38 -29.03 -22.07 1.55
C LYS B 38 -27.64 -22.11 0.96
N PRO B 39 -26.76 -22.94 1.54
CA PRO B 39 -25.34 -22.99 1.17
C PRO B 39 -25.12 -23.24 -0.33
N PHE B 40 -25.90 -24.15 -0.91
CA PHE B 40 -25.71 -24.52 -2.32
C PHE B 40 -26.26 -23.45 -3.28
N GLU B 41 -27.10 -22.57 -2.75
CA GLU B 41 -27.58 -21.43 -3.53
C GLU B 41 -26.77 -20.18 -3.23
N GLY B 42 -25.89 -20.28 -2.25
CA GLY B 42 -25.01 -19.18 -1.90
C GLY B 42 -25.74 -17.97 -1.37
N LYS B 43 -26.83 -18.20 -0.65
CA LYS B 43 -27.63 -17.12 -0.09
C LYS B 43 -27.80 -17.29 1.42
N GLN B 44 -27.80 -16.18 2.15
CA GLN B 44 -28.05 -16.23 3.59
C GLN B 44 -28.62 -14.91 4.10
N SER B 45 -29.43 -15.01 5.14
CA SER B 45 -30.00 -13.84 5.79
C SER B 45 -29.72 -13.94 7.29
N MET B 46 -29.69 -12.79 7.96
CA MET B 46 -29.40 -12.77 9.39
C MET B 46 -29.97 -11.54 10.08
N ASP B 47 -30.61 -11.77 11.22
CA ASP B 47 -31.06 -10.69 12.09
C ASP B 47 -29.94 -10.43 13.11
N LEU B 48 -29.46 -9.19 13.12
CA LEU B 48 -28.38 -8.79 14.00
C LEU B 48 -28.90 -7.89 15.11
N GLU B 49 -28.36 -8.07 16.31
CA GLU B 49 -28.73 -7.23 17.45
C GLU B 49 -27.49 -6.76 18.18
N VAL B 50 -27.37 -5.44 18.35
CA VAL B 50 -26.27 -4.89 19.14
C VAL B 50 -26.67 -5.06 20.60
N LYS B 51 -25.93 -5.91 21.32
CA LYS B 51 -26.24 -6.20 22.71
C LYS B 51 -25.49 -5.26 23.64
N GLU B 52 -24.25 -4.93 23.26
CA GLU B 52 -23.45 -3.98 24.02
C GLU B 52 -22.81 -2.95 23.08
N GLY B 53 -22.74 -1.70 23.53
CA GLY B 53 -22.09 -0.65 22.77
C GLY B 53 -23.00 0.16 21.86
N GLY B 54 -24.30 -0.07 21.94
CA GLY B 54 -25.24 0.70 21.16
C GLY B 54 -25.50 2.07 21.77
N PRO B 55 -25.79 3.06 20.91
CA PRO B 55 -25.76 2.94 19.45
C PRO B 55 -24.33 3.07 18.95
N LEU B 56 -23.98 2.31 17.91
CA LEU B 56 -22.62 2.35 17.38
C LEU B 56 -22.29 3.73 16.80
N PRO B 57 -21.10 4.27 17.14
CA PRO B 57 -20.70 5.59 16.66
C PRO B 57 -20.06 5.55 15.27
N PHE B 58 -20.15 4.39 14.60
CA PHE B 58 -19.53 4.24 13.29
C PHE B 58 -20.45 3.56 12.29
N ALA B 59 -20.11 3.67 11.00
CA ALA B 59 -20.88 3.06 9.92
C ALA B 59 -20.99 1.55 10.10
N PHE B 60 -22.22 1.05 10.22
CA PHE B 60 -22.47 -0.37 10.42
C PHE B 60 -21.96 -1.19 9.23
N ASP B 61 -21.88 -0.56 8.06
CA ASP B 61 -21.46 -1.23 6.83
C ASP B 61 -20.08 -1.89 6.91
N ILE B 62 -19.19 -1.33 7.70
CA ILE B 62 -17.83 -1.85 7.75
C ILE B 62 -17.74 -3.20 8.46
N LEU B 63 -18.80 -3.58 9.17
CA LEU B 63 -18.83 -4.85 9.90
C LEU B 63 -19.43 -5.97 9.07
N THR B 64 -20.18 -5.62 8.04
CA THR B 64 -21.12 -6.57 7.42
C THR B 64 -20.50 -7.79 6.76
N THR B 65 -19.31 -7.64 6.18
CA THR B 65 -18.65 -8.80 5.58
C THR B 65 -18.08 -9.72 6.67
N ALA B 66 -17.99 -9.24 7.89
CA ALA B 66 -17.55 -10.10 8.99
C ALA B 66 -18.69 -11.00 9.44
N PHE B 67 -19.92 -10.54 9.23
CA PHE B 67 -21.11 -11.33 9.56
C PHE B 67 -21.39 -12.38 8.49
C11 CR8 B 68 -18.57 -8.76 -0.16
C12 CR8 B 68 -19.62 -9.31 0.58
C4 CR8 B 68 -17.28 -9.26 0.01
C5 CR8 B 68 -17.05 -10.28 0.91
C6 CR8 B 68 -19.39 -10.34 1.49
C7 CR8 B 68 -18.10 -10.82 1.66
C8 CR8 B 68 -17.78 -11.92 2.61
CA2 CR8 B 68 -18.55 -12.39 3.80
C10 CR8 B 68 -25.61 -12.94 6.79
O13 CR8 B 68 -18.78 -7.83 -0.97
N11 CR8 B 68 -26.12 -12.09 5.87
C2 CR8 B 68 -18.12 -13.20 4.81
N3 CR8 B 68 -19.10 -13.39 5.71
C1 CR8 B 68 -20.15 -12.68 5.24
N2 CR8 B 68 -19.84 -12.04 4.06
C20 CR8 B 68 -22.52 -11.97 5.04
C21 CR8 B 68 -23.92 -12.20 5.59
N22 CR8 B 68 -24.26 -13.02 6.62
C23 CR8 B 68 -25.09 -11.62 5.12
O2 CR8 B 68 -16.94 -13.69 4.88
N1 CR8 B 68 -21.29 -11.77 7.12
CA1 CR8 B 68 -21.46 -12.59 5.95
C3 CR8 B 68 -18.16 -15.38 6.89
CA3 CR8 B 68 -19.06 -14.18 6.95
O3 CR8 B 68 -17.95 -16.02 7.91
N ASN B 69 -18.88 -16.13 5.80
CA ASN B 69 -18.82 -17.59 5.72
C ASN B 69 -18.99 -18.07 4.29
N ARG B 70 -17.86 -18.38 3.63
CA ARG B 70 -17.88 -18.71 2.22
C ARG B 70 -18.50 -20.09 1.93
N VAL B 71 -18.99 -20.75 2.97
CA VAL B 71 -19.84 -21.93 2.79
C VAL B 71 -21.08 -21.50 2.02
N PHE B 72 -21.48 -20.24 2.25
CA PHE B 72 -22.63 -19.68 1.57
C PHE B 72 -22.25 -19.02 0.26
N ALA B 73 -21.78 -19.85 -0.66
CA ALA B 73 -21.43 -19.42 -2.00
C ALA B 73 -21.71 -20.54 -2.97
N GLU B 74 -22.35 -20.24 -4.09
CA GLU B 74 -22.67 -21.28 -5.05
C GLU B 74 -21.40 -21.69 -5.80
N TYR B 75 -20.88 -22.87 -5.47
CA TYR B 75 -19.71 -23.41 -6.17
C TYR B 75 -20.14 -24.33 -7.31
N PRO B 76 -19.64 -24.07 -8.52
CA PRO B 76 -19.95 -24.97 -9.65
C PRO B 76 -19.11 -26.24 -9.57
N ASP B 77 -19.56 -27.29 -10.26
CA ASP B 77 -18.90 -28.60 -10.21
C ASP B 77 -17.43 -28.59 -10.63
N HIS B 78 -17.04 -27.62 -11.46
CA HIS B 78 -15.68 -27.60 -12.00
C HIS B 78 -14.69 -26.83 -11.11
N ILE B 79 -15.15 -26.34 -9.97
CA ILE B 79 -14.28 -25.66 -9.03
C ILE B 79 -14.31 -26.35 -7.67
N GLN B 80 -13.14 -26.63 -7.12
CA GLN B 80 -13.05 -27.22 -5.79
C GLN B 80 -13.68 -26.29 -4.74
N ASP B 81 -14.55 -26.85 -3.91
CA ASP B 81 -15.23 -26.09 -2.86
C ASP B 81 -14.59 -26.39 -1.51
N TYR B 82 -13.54 -25.63 -1.18
CA TYR B 82 -12.77 -25.79 0.06
C TYR B 82 -13.64 -25.70 1.30
N PHE B 83 -14.70 -24.89 1.21
CA PHE B 83 -15.48 -24.53 2.37
C PHE B 83 -16.48 -25.61 2.80
N LYS B 84 -17.20 -26.17 1.83
CA LYS B 84 -18.13 -27.23 2.13
C LYS B 84 -17.37 -28.52 2.48
N GLN B 85 -16.18 -28.69 1.91
CA GLN B 85 -15.33 -29.84 2.21
C GLN B 85 -14.65 -29.70 3.57
N SER B 86 -14.72 -28.50 4.15
CA SER B 86 -14.11 -28.25 5.46
C SER B 86 -15.00 -28.75 6.61
N PHE B 87 -16.22 -29.15 6.29
CA PHE B 87 -17.15 -29.60 7.32
C PHE B 87 -17.30 -31.13 7.33
N PRO B 88 -17.69 -31.70 8.48
CA PRO B 88 -18.24 -31.13 9.73
C PRO B 88 -17.28 -30.40 10.67
N LYS B 89 -15.97 -30.63 10.57
CA LYS B 89 -15.04 -30.07 11.55
C LYS B 89 -14.89 -28.55 11.48
N GLY B 90 -15.13 -27.98 10.29
CA GLY B 90 -15.16 -26.54 10.13
C GLY B 90 -13.86 -25.88 9.72
N TYR B 91 -13.82 -24.56 9.81
CA TYR B 91 -12.67 -23.79 9.36
C TYR B 91 -12.65 -22.40 10.01
N SER B 92 -11.53 -21.70 9.88
CA SER B 92 -11.40 -20.34 10.40
C SER B 92 -10.94 -19.38 9.31
N TRP B 93 -11.21 -18.09 9.48
CA TRP B 93 -10.59 -17.10 8.61
C TRP B 93 -10.07 -15.89 9.37
N GLU B 94 -9.06 -15.25 8.81
CA GLU B 94 -8.55 -13.98 9.30
C GLU B 94 -8.62 -13.01 8.14
N ARG B 95 -8.86 -11.73 8.44
CA ARG B 95 -9.07 -10.74 7.39
C ARG B 95 -8.48 -9.38 7.76
N SER B 96 -7.89 -8.70 6.79
CA SER B 96 -7.54 -7.30 6.98
C SER B 96 -8.37 -6.45 6.01
N LEU B 97 -8.84 -5.32 6.50
CA LEU B 97 -9.55 -4.35 5.67
C LEU B 97 -8.75 -3.06 5.68
N THR B 98 -8.22 -2.67 4.52
CA THR B 98 -7.39 -1.48 4.45
C THR B 98 -8.11 -0.40 3.66
N PHE B 99 -8.65 0.57 4.40
CA PHE B 99 -9.44 1.63 3.79
C PHE B 99 -8.53 2.72 3.24
N GLU B 100 -9.02 3.45 2.25
CA GLU B 100 -8.17 4.38 1.52
C GLU B 100 -7.71 5.58 2.35
N ASP B 101 -8.44 5.89 3.43
CA ASP B 101 -8.07 7.04 4.25
C ASP B 101 -7.25 6.66 5.49
N GLY B 102 -6.76 5.43 5.53
CA GLY B 102 -5.87 5.00 6.60
C GLY B 102 -6.53 4.13 7.65
N GLY B 103 -7.87 4.15 7.68
CA GLY B 103 -8.59 3.25 8.56
C GLY B 103 -8.22 1.81 8.25
N ILE B 104 -7.97 1.02 9.28
CA ILE B 104 -7.58 -0.37 9.10
C ILE B 104 -8.30 -1.27 10.10
N CYS B 105 -8.90 -2.34 9.59
CA CYS B 105 -9.58 -3.31 10.43
C CYS B 105 -8.97 -4.69 10.28
N ILE B 106 -8.95 -5.45 11.38
CA ILE B 106 -8.67 -6.87 11.28
C ILE B 106 -9.88 -7.62 11.81
N ALA B 107 -10.09 -8.84 11.35
CA ALA B 107 -11.23 -9.61 11.81
C ALA B 107 -10.96 -11.11 11.77
N ARG B 108 -11.64 -11.84 12.65
CA ARG B 108 -11.48 -13.29 12.68
C ARG B 108 -12.82 -13.98 12.88
N ASN B 109 -12.97 -15.15 12.27
CA ASN B 109 -14.13 -15.98 12.51
C ASN B 109 -13.72 -17.44 12.60
N ASP B 110 -14.05 -18.07 13.72
CA ASP B 110 -13.93 -19.51 13.86
C ASP B 110 -15.30 -20.10 13.59
N ILE B 111 -15.43 -20.83 12.48
CA ILE B 111 -16.71 -21.40 12.12
C ILE B 111 -16.79 -22.88 12.44
N THR B 112 -17.78 -23.25 13.23
CA THR B 112 -18.02 -24.64 13.55
C THR B 112 -19.45 -25.02 13.17
N MET B 113 -19.78 -26.29 13.35
CA MET B 113 -21.08 -26.81 12.95
C MET B 113 -21.51 -27.92 13.88
N GLU B 114 -22.66 -27.75 14.52
CA GLU B 114 -23.32 -28.86 15.17
C GLU B 114 -24.74 -28.96 14.65
N GLY B 115 -25.09 -30.13 14.12
CA GLY B 115 -26.38 -30.33 13.49
C GLY B 115 -26.57 -29.43 12.27
N ASP B 116 -27.73 -28.79 12.21
CA ASP B 116 -28.10 -27.96 11.07
C ASP B 116 -27.74 -26.47 11.28
N THR B 117 -26.89 -26.20 12.26
CA THR B 117 -26.55 -24.82 12.62
C THR B 117 -25.06 -24.54 12.49
N PHE B 118 -24.71 -23.40 11.88
CA PHE B 118 -23.34 -22.91 11.90
C PHE B 118 -23.13 -22.04 13.13
N TYR B 119 -21.98 -22.19 13.76
CA TYR B 119 -21.62 -21.35 14.90
C TYR B 119 -20.44 -20.48 14.52
N ASN B 120 -20.58 -19.18 14.81
CA ASN B 120 -19.61 -18.20 14.36
C ASN B 120 -19.10 -17.36 15.52
N LYS B 121 -17.82 -17.51 15.83
CA LYS B 121 -17.17 -16.73 16.86
C LYS B 121 -16.34 -15.65 16.18
N VAL B 122 -16.90 -14.45 16.08
CA VAL B 122 -16.30 -13.37 15.29
C VAL B 122 -15.67 -12.30 16.18
N ARG B 123 -14.51 -11.81 15.78
CA ARG B 123 -13.86 -10.69 16.45
C ARG B 123 -13.53 -9.64 15.39
N PHE B 124 -13.67 -8.37 15.75
CA PHE B 124 -13.47 -7.29 14.78
C PHE B 124 -12.80 -6.11 15.47
N HIS B 125 -11.69 -5.65 14.93
CA HIS B 125 -11.00 -4.50 15.49
C HIS B 125 -10.62 -3.50 14.41
N GLY B 126 -10.97 -2.23 14.62
CA GLY B 126 -10.67 -1.18 13.66
C GLY B 126 -9.97 0.00 14.31
N VAL B 127 -8.90 0.48 13.67
CA VAL B 127 -8.14 1.61 14.20
C VAL B 127 -7.88 2.68 13.14
N ASN B 128 -7.49 3.87 13.60
CA ASN B 128 -7.06 4.95 12.71
C ASN B 128 -8.11 5.48 11.72
N PHE B 129 -9.39 5.38 12.08
CA PHE B 129 -10.43 6.01 11.29
C PHE B 129 -10.47 7.49 11.61
N PRO B 130 -10.37 8.35 10.58
CA PRO B 130 -10.39 9.81 10.75
C PRO B 130 -11.77 10.26 11.22
N ALA B 131 -11.81 11.18 12.20
CA ALA B 131 -13.06 11.61 12.81
C ALA B 131 -14.09 12.16 11.82
N ASN B 132 -13.61 12.81 10.77
CA ASN B 132 -14.52 13.34 9.76
C ASN B 132 -14.57 12.46 8.51
N GLY B 133 -14.12 11.22 8.64
CA GLY B 133 -14.23 10.25 7.57
C GLY B 133 -15.66 9.74 7.45
N PRO B 134 -15.99 9.12 6.32
CA PRO B 134 -17.33 8.56 6.08
C PRO B 134 -17.71 7.49 7.09
N VAL B 135 -16.71 6.79 7.64
CA VAL B 135 -16.98 5.76 8.63
C VAL B 135 -17.47 6.33 9.96
N MET B 136 -16.68 7.22 10.55
CA MET B 136 -17.07 7.81 11.83
C MET B 136 -18.25 8.79 11.70
N GLN B 137 -18.42 9.36 10.51
CA GLN B 137 -19.54 10.27 10.27
C GLN B 137 -20.78 9.53 9.76
N LYS B 138 -20.65 8.21 9.61
CA LYS B 138 -21.73 7.37 9.13
C LYS B 138 -22.31 7.86 7.80
N LYS B 139 -21.47 7.93 6.77
CA LYS B 139 -21.94 8.45 5.49
C LYS B 139 -22.01 7.37 4.42
N THR B 140 -21.86 6.11 4.84
CA THR B 140 -21.90 4.99 3.89
C THR B 140 -23.34 4.56 3.59
N LEU B 141 -23.55 4.05 2.39
CA LEU B 141 -24.88 3.59 1.97
C LEU B 141 -24.93 2.07 1.83
N LYS B 142 -23.87 1.51 1.26
CA LYS B 142 -23.77 0.07 1.04
C LYS B 142 -22.42 -0.31 0.45
N TRP B 143 -22.12 -1.60 0.47
CA TRP B 143 -21.01 -2.13 -0.30
C TRP B 143 -21.50 -2.31 -1.72
N GLU B 144 -20.67 -1.97 -2.69
CA GLU B 144 -20.98 -2.28 -4.07
C GLU B 144 -20.75 -3.76 -4.28
N PRO B 145 -21.47 -4.37 -5.25
CA PRO B 145 -21.19 -5.78 -5.56
C PRO B 145 -19.73 -5.99 -5.93
N SER B 146 -19.14 -7.09 -5.45
CA SER B 146 -17.70 -7.27 -5.57
C SER B 146 -17.32 -8.61 -6.15
N THR B 147 -16.04 -8.74 -6.48
CA THR B 147 -15.50 -10.01 -6.93
C THR B 147 -14.24 -10.34 -6.14
N GLU B 148 -14.26 -11.44 -5.40
CA GLU B 148 -13.13 -11.86 -4.59
C GLU B 148 -12.22 -12.76 -5.42
N LYS B 149 -10.95 -12.38 -5.54
CA LYS B 149 -9.99 -13.21 -6.26
C LYS B 149 -9.37 -14.24 -5.32
N MET B 150 -9.61 -15.52 -5.59
CA MET B 150 -9.17 -16.60 -4.72
C MET B 150 -7.92 -17.28 -5.26
N TYR B 151 -6.92 -17.48 -4.41
CA TYR B 151 -5.70 -18.17 -4.80
C TYR B 151 -4.98 -18.73 -3.57
N VAL B 152 -4.00 -19.60 -3.80
CA VAL B 152 -3.19 -20.12 -2.71
C VAL B 152 -1.90 -19.31 -2.58
N ARG B 153 -1.56 -18.95 -1.35
CA ARG B 153 -0.28 -18.30 -1.03
C ARG B 153 0.29 -18.90 0.25
N ASP B 154 1.48 -19.49 0.13
CA ASP B 154 2.14 -20.16 1.24
C ASP B 154 1.25 -21.22 1.89
N GLY B 155 0.70 -22.11 1.07
CA GLY B 155 -0.12 -23.22 1.53
C GLY B 155 -1.50 -22.87 2.05
N VAL B 156 -1.89 -21.61 1.90
CA VAL B 156 -3.17 -21.16 2.46
C VAL B 156 -4.05 -20.44 1.41
N LEU B 157 -5.31 -20.86 1.34
CA LEU B 157 -6.30 -20.20 0.49
C LEU B 157 -6.47 -18.75 0.92
N THR B 158 -6.48 -17.86 -0.07
CA THR B 158 -6.41 -16.44 0.17
C THR B 158 -7.36 -15.71 -0.79
N GLY B 159 -8.14 -14.77 -0.28
CA GLY B 159 -9.02 -14.00 -1.14
C GLY B 159 -8.76 -12.51 -1.05
N ASP B 160 -8.47 -11.88 -2.19
CA ASP B 160 -8.27 -10.44 -2.24
C ASP B 160 -9.44 -9.77 -2.96
N ILE B 161 -9.84 -8.60 -2.47
CA ILE B 161 -10.94 -7.84 -3.08
C ILE B 161 -10.59 -6.36 -3.14
N THR B 162 -10.80 -5.74 -4.29
CA THR B 162 -10.85 -4.29 -4.36
C THR B 162 -12.31 -3.93 -4.19
N ALA B 163 -12.67 -3.60 -2.97
CA ALA B 163 -14.06 -3.34 -2.64
C ALA B 163 -14.32 -1.84 -2.56
N ALA B 164 -15.57 -1.45 -2.66
CA ALA B 164 -15.94 -0.05 -2.55
C ALA B 164 -17.21 0.12 -1.75
N LEU B 165 -17.25 1.15 -0.91
CA LEU B 165 -18.48 1.52 -0.24
C LEU B 165 -19.06 2.71 -0.99
N LEU B 166 -20.35 2.65 -1.29
CA LEU B 166 -21.01 3.82 -1.85
C LEU B 166 -21.28 4.80 -0.72
N LEU B 167 -21.02 6.09 -0.96
CA LEU B 167 -21.25 7.12 0.04
C LEU B 167 -22.43 8.02 -0.35
N GLU B 168 -22.96 8.75 0.62
CA GLU B 168 -23.92 9.82 0.33
C GLU B 168 -23.22 10.87 -0.53
N GLY B 169 -23.89 11.30 -1.59
CA GLY B 169 -23.27 12.24 -2.52
C GLY B 169 -22.65 11.55 -3.71
N ASN B 170 -22.90 10.24 -3.83
CA ASN B 170 -22.53 9.44 -5.00
C ASN B 170 -21.02 9.17 -5.22
N ALA B 171 -20.20 9.54 -4.25
CA ALA B 171 -18.79 9.19 -4.29
C ALA B 171 -18.55 7.78 -3.74
N HIS B 172 -17.35 7.26 -3.91
CA HIS B 172 -17.04 5.94 -3.37
C HIS B 172 -15.90 5.96 -2.36
N TYR B 173 -15.81 4.91 -1.56
CA TYR B 173 -14.82 4.81 -0.50
C TYR B 173 -14.18 3.44 -0.60
N ARG B 174 -12.92 3.43 -1.02
CA ARG B 174 -12.26 2.18 -1.38
C ARG B 174 -11.72 1.42 -0.17
N CYS B 175 -11.84 0.10 -0.24
CA CYS B 175 -11.31 -0.78 0.78
C CYS B 175 -10.66 -1.98 0.12
N ASP B 176 -9.41 -2.24 0.47
CA ASP B 176 -8.76 -3.47 0.01
C ASP B 176 -8.83 -4.52 1.11
N SER B 177 -9.39 -5.68 0.76
CA SER B 177 -9.60 -6.74 1.73
C SER B 177 -8.73 -7.96 1.42
N ARG B 178 -8.15 -8.55 2.45
CA ARG B 178 -7.48 -9.85 2.30
C ARG B 178 -7.95 -10.83 3.35
N THR B 179 -8.52 -11.95 2.91
CA THR B 179 -8.93 -12.99 3.83
C THR B 179 -8.07 -14.24 3.65
N THR B 180 -7.58 -14.79 4.75
CA THR B 180 -6.92 -16.09 4.72
C THR B 180 -7.88 -17.12 5.29
N TYR B 181 -8.07 -18.22 4.57
CA TYR B 181 -9.01 -19.26 4.97
C TYR B 181 -8.25 -20.53 5.33
N LYS B 182 -8.58 -21.13 6.47
CA LYS B 182 -7.88 -22.34 6.91
C LYS B 182 -8.82 -23.41 7.44
N ALA B 183 -8.83 -24.56 6.78
CA ALA B 183 -9.61 -25.70 7.22
C ALA B 183 -9.09 -26.23 8.55
N LYS B 184 -10.01 -26.60 9.44
CA LYS B 184 -9.63 -27.14 10.74
C LYS B 184 -8.95 -28.49 10.53
N GLU B 185 -9.59 -29.35 9.77
CA GLU B 185 -9.06 -30.68 9.49
C GLU B 185 -7.89 -30.58 8.52
N LYS B 186 -6.90 -31.44 8.70
CA LYS B 186 -5.73 -31.46 7.82
C LYS B 186 -6.02 -32.25 6.55
N GLY B 187 -5.37 -31.86 5.45
CA GLY B 187 -5.49 -32.60 4.21
C GLY B 187 -6.67 -32.21 3.33
N VAL B 188 -7.38 -31.15 3.68
CA VAL B 188 -8.43 -30.63 2.83
C VAL B 188 -7.79 -30.03 1.58
N LYS B 189 -8.25 -30.46 0.41
CA LYS B 189 -7.61 -30.06 -0.85
C LYS B 189 -7.80 -28.58 -1.19
N LEU B 190 -6.70 -27.90 -1.44
CA LEU B 190 -6.75 -26.49 -1.83
C LEU B 190 -7.28 -26.37 -3.25
N PRO B 191 -8.14 -25.36 -3.50
CA PRO B 191 -8.68 -25.11 -4.83
C PRO B 191 -7.64 -24.42 -5.69
N GLY B 192 -7.84 -24.39 -7.00
CA GLY B 192 -7.02 -23.57 -7.87
C GLY B 192 -7.60 -22.18 -7.89
N TYR B 193 -6.91 -21.25 -8.54
CA TYR B 193 -7.38 -19.87 -8.67
C TYR B 193 -8.81 -19.81 -9.17
N HIS B 194 -9.61 -18.96 -8.54
CA HIS B 194 -10.97 -18.71 -9.03
C HIS B 194 -11.51 -17.41 -8.49
N LEU B 195 -12.76 -17.11 -8.85
CA LEU B 195 -13.39 -15.85 -8.46
C LEU B 195 -14.64 -16.14 -7.65
N VAL B 196 -14.98 -15.24 -6.72
CA VAL B 196 -16.28 -15.30 -6.06
C VAL B 196 -16.96 -13.94 -6.16
N ASP B 197 -18.08 -13.88 -6.86
CA ASP B 197 -18.91 -12.68 -6.90
C ASP B 197 -19.68 -12.56 -5.61
N HIS B 198 -19.74 -11.34 -5.07
CA HIS B 198 -20.50 -11.06 -3.86
C HIS B 198 -21.51 -9.96 -4.08
N CYS B 199 -22.64 -10.05 -3.39
CA CYS B 199 -23.52 -8.90 -3.22
C CYS B 199 -24.02 -8.90 -1.78
N ILE B 200 -23.74 -7.83 -1.04
CA ILE B 200 -24.16 -7.75 0.35
C ILE B 200 -25.06 -6.54 0.59
N GLU B 201 -26.14 -6.76 1.33
CA GLU B 201 -27.18 -5.75 1.49
C GLU B 201 -27.72 -5.70 2.92
N ILE B 202 -27.82 -4.50 3.48
CA ILE B 202 -28.66 -4.32 4.64
C ILE B 202 -30.08 -4.20 4.12
N LEU B 203 -30.93 -5.16 4.48
CA LEU B 203 -32.32 -5.18 4.02
C LEU B 203 -33.17 -4.20 4.81
N SER B 204 -32.89 -4.12 6.11
CA SER B 204 -33.62 -3.22 7.00
C SER B 204 -32.80 -2.97 8.25
N HIS B 205 -33.10 -1.86 8.93
CA HIS B 205 -32.42 -1.49 10.16
C HIS B 205 -33.27 -0.47 10.91
N ASP B 206 -33.13 -0.42 12.22
CA ASP B 206 -33.74 0.66 12.97
C ASP B 206 -32.85 1.90 12.86
N LYS B 207 -33.31 3.00 13.43
CA LYS B 207 -32.61 4.29 13.36
C LYS B 207 -31.14 4.24 13.75
N ASP B 208 -30.82 3.52 14.82
CA ASP B 208 -29.46 3.50 15.36
C ASP B 208 -28.67 2.23 15.00
N TYR B 209 -29.23 1.43 14.11
CA TYR B 209 -28.60 0.19 13.67
C TYR B 209 -28.35 -0.78 14.85
N ASN B 210 -29.20 -0.69 15.87
CA ASN B 210 -29.17 -1.64 16.97
C ASN B 210 -29.71 -2.99 16.51
N LYS B 211 -30.62 -2.93 15.55
CA LYS B 211 -31.15 -4.14 14.92
C LYS B 211 -31.04 -4.01 13.40
N VAL B 212 -30.42 -5.01 12.78
CA VAL B 212 -30.15 -4.97 11.35
C VAL B 212 -30.50 -6.31 10.71
N LYS B 213 -31.14 -6.28 9.54
CA LYS B 213 -31.34 -7.49 8.75
C LYS B 213 -30.37 -7.47 7.57
N LEU B 214 -29.61 -8.55 7.42
CA LEU B 214 -28.49 -8.58 6.49
C LEU B 214 -28.64 -9.73 5.50
N TYR B 215 -28.25 -9.50 4.26
CA TYR B 215 -28.40 -10.51 3.21
C TYR B 215 -27.17 -10.55 2.32
N GLU B 216 -26.73 -11.76 1.99
CA GLU B 216 -25.63 -11.93 1.05
C GLU B 216 -25.96 -12.97 0.00
N HIS B 217 -25.61 -12.67 -1.24
CA HIS B 217 -25.65 -13.64 -2.32
C HIS B 217 -24.22 -13.73 -2.85
N ALA B 218 -23.74 -14.94 -3.07
CA ALA B 218 -22.37 -15.16 -3.54
C ALA B 218 -22.24 -16.36 -4.47
N VAL B 219 -21.53 -16.19 -5.58
CA VAL B 219 -21.38 -17.26 -6.58
C VAL B 219 -19.93 -17.38 -7.04
N ALA B 220 -19.37 -18.58 -6.91
CA ALA B 220 -18.01 -18.83 -7.40
C ALA B 220 -18.02 -19.05 -8.91
N HIS B 221 -16.96 -18.65 -9.60
CA HIS B 221 -16.85 -18.88 -11.04
C HIS B 221 -15.41 -18.80 -11.54
N SER B 222 -15.21 -19.14 -12.82
CA SER B 222 -13.87 -19.20 -13.39
C SER B 222 -13.52 -17.99 -14.25
N GLY B 223 -14.33 -16.95 -14.19
CA GLY B 223 -14.10 -15.74 -14.95
C GLY B 223 -14.32 -15.95 -16.45
N LEU B 224 -14.11 -14.92 -17.25
CA LEU B 224 -14.26 -15.04 -18.70
C LEU B 224 -13.29 -16.06 -19.26
N PRO B 225 -13.74 -16.85 -20.26
CA PRO B 225 -15.07 -16.78 -20.85
C PRO B 225 -16.03 -17.84 -20.29
N ASP B 226 -15.75 -18.38 -19.14
CA ASP B 226 -16.42 -19.55 -18.61
C ASP B 226 -17.36 -19.31 -17.46
N ASN B 227 -18.02 -18.16 -17.45
CA ASN B 227 -18.82 -17.73 -16.30
C ASN B 227 -20.21 -17.22 -16.65
N HIS C 5 38.60 1.67 -0.36
CA HIS C 5 39.17 0.75 -1.34
C HIS C 5 40.08 1.48 -2.32
N HIS C 6 39.49 2.31 -3.19
CA HIS C 6 40.26 3.09 -4.16
C HIS C 6 39.90 4.58 -4.10
N MET C 7 40.73 5.42 -4.71
CA MET C 7 40.45 6.86 -4.71
C MET C 7 39.35 7.23 -5.71
N SER C 8 38.32 7.88 -5.20
CA SER C 8 37.09 8.14 -5.95
C SER C 8 37.22 9.17 -7.07
N ALA C 9 38.24 10.01 -6.96
CA ALA C 9 38.38 11.22 -7.78
C ALA C 9 37.20 12.17 -7.53
N ILE C 10 36.54 12.02 -6.39
CA ILE C 10 35.55 12.99 -5.94
C ILE C 10 36.24 14.09 -5.13
N LYS C 11 36.19 15.31 -5.65
CA LYS C 11 36.82 16.46 -5.01
C LYS C 11 35.83 17.16 -4.08
N PRO C 12 36.32 17.86 -3.04
CA PRO C 12 35.45 18.48 -2.03
C PRO C 12 34.47 19.50 -2.62
N ASP C 13 34.83 20.09 -3.76
CA ASP C 13 33.90 20.96 -4.50
C ASP C 13 33.71 20.42 -5.93
N MET C 14 32.48 20.02 -6.24
CA MET C 14 32.15 19.41 -7.52
C MET C 14 31.07 20.24 -8.22
N LYS C 15 31.09 20.20 -9.55
CA LYS C 15 30.01 20.79 -10.34
C LYS C 15 28.98 19.72 -10.65
N ILE C 16 27.77 20.15 -10.99
CA ILE C 16 26.71 19.22 -11.32
C ILE C 16 26.02 19.69 -12.61
N ASN C 17 25.87 18.75 -13.54
CA ASN C 17 25.20 19.01 -14.81
C ASN C 17 24.06 18.00 -14.92
N LEU C 18 22.87 18.48 -15.29
CA LEU C 18 21.67 17.64 -15.25
C LEU C 18 20.68 17.98 -16.34
N ARG C 19 20.26 16.97 -17.10
CA ARG C 19 19.08 17.13 -17.95
C ARG C 19 18.01 16.15 -17.53
N MET C 20 16.84 16.70 -17.21
CA MET C 20 15.68 15.87 -16.94
C MET C 20 14.73 15.97 -18.12
N GLU C 21 14.09 14.85 -18.45
CA GLU C 21 12.97 14.85 -19.36
C GLU C 21 11.86 14.09 -18.65
N GLY C 22 10.63 14.50 -18.88
CA GLY C 22 9.54 13.81 -18.22
C GLY C 22 8.15 14.06 -18.73
N ASN C 23 7.21 13.33 -18.16
CA ASN C 23 5.80 13.45 -18.49
C ASN C 23 4.99 13.21 -17.22
N VAL C 24 4.27 14.24 -16.78
CA VAL C 24 3.36 14.07 -15.66
C VAL C 24 1.93 14.38 -16.11
N ASN C 25 1.04 13.41 -15.93
CA ASN C 25 -0.36 13.57 -16.33
C ASN C 25 -0.54 13.97 -17.79
N GLY C 26 0.31 13.44 -18.66
CA GLY C 26 0.20 13.68 -20.09
C GLY C 26 0.99 14.88 -20.57
N HIS C 27 1.53 15.66 -19.64
CA HIS C 27 2.25 16.88 -19.98
C HIS C 27 3.76 16.64 -20.03
N HIS C 28 4.34 16.81 -21.22
CA HIS C 28 5.77 16.56 -21.43
C HIS C 28 6.59 17.78 -21.02
N PHE C 29 7.79 17.53 -20.48
CA PHE C 29 8.66 18.62 -20.05
C PHE C 29 10.15 18.26 -20.13
N VAL C 30 10.97 19.28 -20.39
CA VAL C 30 12.42 19.13 -20.36
C VAL C 30 13.00 20.21 -19.44
N ILE C 31 13.78 19.79 -18.46
CA ILE C 31 14.37 20.73 -17.50
C ILE C 31 15.88 20.51 -17.37
N ASP C 32 16.64 21.60 -17.45
CA ASP C 32 18.08 21.56 -17.30
C ASP C 32 18.50 22.04 -15.92
N GLY C 33 19.59 21.48 -15.41
CA GLY C 33 20.14 21.89 -14.14
C GLY C 33 21.63 22.16 -14.20
N ASP C 34 22.05 23.22 -13.53
CA ASP C 34 23.47 23.52 -13.36
C ASP C 34 23.75 23.89 -11.92
N GLY C 35 24.62 23.14 -11.25
CA GLY C 35 24.88 23.38 -9.85
C GLY C 35 26.28 23.08 -9.38
N THR C 36 26.47 23.21 -8.06
CA THR C 36 27.74 22.95 -7.40
C THR C 36 27.42 22.30 -6.06
N GLY C 37 28.37 21.57 -5.50
CA GLY C 37 28.12 20.93 -4.22
C GLY C 37 29.37 20.46 -3.50
N LYS C 38 29.20 20.13 -2.23
CA LYS C 38 30.29 19.61 -1.40
C LYS C 38 29.89 18.21 -0.94
N PRO C 39 30.39 17.18 -1.62
CA PRO C 39 30.00 15.78 -1.36
C PRO C 39 30.25 15.36 0.09
N PHE C 40 31.38 15.77 0.64
CA PHE C 40 31.76 15.37 2.00
C PHE C 40 31.02 16.14 3.10
N GLU C 41 30.40 17.26 2.72
CA GLU C 41 29.53 18.00 3.63
C GLU C 41 28.07 17.68 3.37
N GLY C 42 27.82 16.87 2.35
CA GLY C 42 26.48 16.48 1.99
C GLY C 42 25.58 17.64 1.61
N LYS C 43 26.14 18.62 0.91
CA LYS C 43 25.40 19.82 0.53
C LYS C 43 25.52 20.12 -0.96
N GLN C 44 24.43 20.55 -1.58
CA GLN C 44 24.46 20.92 -3.00
C GLN C 44 23.38 21.94 -3.36
N SER C 45 23.70 22.73 -4.39
CA SER C 45 22.76 23.71 -4.93
C SER C 45 22.74 23.55 -6.44
N MET C 46 21.63 23.96 -7.06
CA MET C 46 21.47 23.83 -8.50
C MET C 46 20.40 24.80 -9.01
N ASP C 47 20.71 25.51 -10.08
CA ASP C 47 19.72 26.35 -10.73
C ASP C 47 19.09 25.59 -11.88
N LEU C 48 17.77 25.50 -11.83
CA LEU C 48 17.00 24.70 -12.77
C LEU C 48 16.28 25.60 -13.75
N GLU C 49 16.18 25.16 -15.00
CA GLU C 49 15.50 25.95 -16.01
C GLU C 49 14.63 25.07 -16.89
N VAL C 50 13.33 25.37 -16.91
CA VAL C 50 12.41 24.61 -17.76
C VAL C 50 12.63 25.02 -19.21
N LYS C 51 13.00 24.04 -20.03
CA LYS C 51 13.33 24.30 -21.42
C LYS C 51 12.13 24.06 -22.33
N GLU C 52 11.37 23.01 -22.03
CA GLU C 52 10.15 22.68 -22.75
C GLU C 52 9.05 22.36 -21.76
N GLY C 53 7.80 22.73 -22.08
CA GLY C 53 6.67 22.39 -21.25
C GLY C 53 6.36 23.41 -20.17
N GLY C 54 7.06 24.54 -20.20
CA GLY C 54 6.79 25.62 -19.28
C GLY C 54 5.64 26.45 -19.79
N PRO C 55 4.78 26.91 -18.87
CA PRO C 55 4.86 26.67 -17.42
C PRO C 55 4.22 25.35 -17.01
N LEU C 56 4.84 24.63 -16.08
CA LEU C 56 4.35 23.32 -15.64
C LEU C 56 2.99 23.43 -14.96
N PRO C 57 2.04 22.55 -15.34
CA PRO C 57 0.70 22.60 -14.76
C PRO C 57 0.61 21.84 -13.44
N PHE C 58 1.76 21.44 -12.90
CA PHE C 58 1.81 20.70 -11.63
C PHE C 58 2.84 21.27 -10.66
N ALA C 59 2.72 20.87 -9.40
CA ALA C 59 3.63 21.31 -8.35
C ALA C 59 5.08 20.92 -8.67
N PHE C 60 5.97 21.91 -8.76
CA PHE C 60 7.38 21.67 -9.04
C PHE C 60 7.99 20.76 -7.97
N ASP C 61 7.48 20.87 -6.75
CA ASP C 61 8.01 20.10 -5.61
C ASP C 61 8.12 18.60 -5.83
N ILE C 62 7.24 18.01 -6.64
CA ILE C 62 7.25 16.56 -6.82
C ILE C 62 8.51 16.11 -7.56
N LEU C 63 9.15 17.04 -8.26
CA LEU C 63 10.31 16.73 -9.07
C LEU C 63 11.63 16.84 -8.30
N THR C 64 11.59 17.55 -7.17
CA THR C 64 12.83 18.05 -6.57
C THR C 64 13.77 16.97 -6.00
N THR C 65 13.22 15.86 -5.51
CA THR C 65 14.09 14.77 -5.06
C THR C 65 14.71 14.02 -6.25
N ALA C 66 14.14 14.16 -7.43
CA ALA C 66 14.76 13.58 -8.62
C ALA C 66 15.96 14.43 -9.06
N PHE C 67 15.92 15.72 -8.72
CA PHE C 67 17.03 16.62 -9.02
C PHE C 67 18.18 16.45 -8.03
C11 CR8 C 68 14.33 14.22 0.61
C12 CR8 C 68 15.15 15.11 -0.08
C4 CR8 C 68 14.41 12.85 0.34
C5 CR8 C 68 15.32 12.40 -0.61
C6 CR8 C 68 16.05 14.65 -1.04
C7 CR8 C 68 16.13 13.30 -1.31
C8 CR8 C 68 17.09 12.74 -2.31
CA2 CR8 C 68 17.63 13.40 -3.53
C10 CR8 C 68 20.33 20.02 -6.30
O13 CR8 C 68 13.52 14.64 1.47
N11 CR8 C 68 19.87 20.67 -5.21
C2 CR8 C 68 18.11 12.77 -4.66
N3 CR8 C 68 18.53 13.66 -5.56
C1 CR8 C 68 18.31 14.87 -4.97
N2 CR8 C 68 17.77 14.73 -3.71
C20 CR8 C 68 18.61 17.27 -4.56
C21 CR8 C 68 19.24 18.55 -5.07
N22 CR8 C 68 19.94 18.72 -6.22
C23 CR8 C 68 19.19 19.78 -4.43
O2 CR8 C 68 18.12 11.48 -4.81
N1 CR8 C 68 17.64 16.45 -6.62
CA1 CR8 C 68 18.63 16.17 -5.61
C3 CR8 C 68 20.15 12.37 -6.88
CA3 CR8 C 68 19.08 13.44 -6.89
O3 CR8 C 68 20.61 11.97 -7.93
N ASN C 69 21.22 12.73 -5.90
CA ASN C 69 22.53 12.07 -5.96
C ASN C 69 23.08 11.89 -4.55
N ARG C 70 23.07 10.66 -4.05
CA ARG C 70 23.43 10.39 -2.68
C ARG C 70 24.94 10.51 -2.40
N VAL C 71 25.70 10.86 -3.43
CA VAL C 71 27.11 11.26 -3.25
C VAL C 71 27.16 12.52 -2.40
N PHE C 72 26.19 13.40 -2.63
CA PHE C 72 26.05 14.59 -1.82
C PHE C 72 25.31 14.25 -0.53
N ALA C 73 26.00 13.50 0.33
CA ALA C 73 25.52 13.11 1.65
C ALA C 73 26.75 12.91 2.53
N GLU C 74 26.72 13.43 3.76
CA GLU C 74 27.85 13.29 4.67
C GLU C 74 27.84 11.91 5.33
N TYR C 75 28.77 11.05 4.93
CA TYR C 75 28.91 9.73 5.53
C TYR C 75 30.02 9.70 6.57
N PRO C 76 29.71 9.28 7.80
CA PRO C 76 30.72 9.09 8.86
C PRO C 76 31.56 7.85 8.58
N ASP C 77 32.71 7.73 9.21
CA ASP C 77 33.69 6.68 8.87
C ASP C 77 33.20 5.25 9.14
N HIS C 78 32.23 5.08 10.02
CA HIS C 78 31.79 3.75 10.41
C HIS C 78 30.67 3.18 9.53
N ILE C 79 30.12 4.01 8.65
CA ILE C 79 29.12 3.53 7.70
C ILE C 79 29.71 3.53 6.29
N GLN C 80 29.58 2.40 5.60
CA GLN C 80 30.06 2.28 4.22
C GLN C 80 29.39 3.29 3.29
N ASP C 81 30.20 3.98 2.50
CA ASP C 81 29.68 4.97 1.56
C ASP C 81 29.65 4.40 0.15
N TYR C 82 28.52 3.78 -0.19
CA TYR C 82 28.35 3.09 -1.47
C TYR C 82 28.52 4.03 -2.65
N PHE C 83 28.12 5.29 -2.47
CA PHE C 83 27.99 6.23 -3.57
C PHE C 83 29.32 6.87 -3.97
N LYS C 84 30.09 7.30 -2.97
CA LYS C 84 31.40 7.84 -3.25
C LYS C 84 32.31 6.72 -3.76
N GLN C 85 32.07 5.50 -3.28
CA GLN C 85 32.86 4.35 -3.72
C GLN C 85 32.43 3.86 -5.11
N SER C 86 31.28 4.34 -5.58
CA SER C 86 30.81 3.98 -6.92
C SER C 86 31.58 4.73 -8.02
N PHE C 87 32.31 5.75 -7.61
CA PHE C 87 33.07 6.55 -8.56
C PHE C 87 34.55 6.13 -8.58
N PRO C 88 35.26 6.42 -9.69
CA PRO C 88 34.96 7.26 -10.86
C PRO C 88 33.89 6.74 -11.83
N LYS C 89 33.58 5.45 -11.85
CA LYS C 89 32.69 4.89 -12.86
C LYS C 89 31.24 5.40 -12.73
N GLY C 90 30.76 5.56 -11.51
CA GLY C 90 29.42 6.07 -11.28
C GLY C 90 28.39 5.04 -10.88
N TYR C 91 27.13 5.47 -10.83
CA TYR C 91 26.02 4.59 -10.46
C TYR C 91 24.72 5.16 -11.01
N SER C 92 23.67 4.35 -10.99
CA SER C 92 22.36 4.78 -11.45
C SER C 92 21.33 4.43 -10.39
N TRP C 93 20.21 5.15 -10.37
CA TRP C 93 19.13 4.80 -9.47
C TRP C 93 17.77 4.79 -10.14
N GLU C 94 16.83 4.06 -9.54
CA GLU C 94 15.44 4.03 -9.98
C GLU C 94 14.58 4.29 -8.75
N ARG C 95 13.49 5.03 -8.92
CA ARG C 95 12.67 5.41 -7.78
C ARG C 95 11.18 5.28 -8.10
N SER C 96 10.40 4.90 -7.11
CA SER C 96 8.95 4.99 -7.22
C SER C 96 8.45 5.94 -6.15
N LEU C 97 7.54 6.83 -6.53
CA LEU C 97 6.93 7.76 -5.59
C LEU C 97 5.42 7.48 -5.51
N THR C 98 4.98 6.90 -4.40
CA THR C 98 3.57 6.59 -4.21
C THR C 98 2.91 7.61 -3.27
N PHE C 99 2.11 8.49 -3.85
CA PHE C 99 1.44 9.56 -3.09
C PHE C 99 0.10 9.06 -2.55
N GLU C 100 -0.34 9.65 -1.43
CA GLU C 100 -1.49 9.11 -0.71
C GLU C 100 -2.82 9.15 -1.46
N ASP C 101 -2.94 10.00 -2.48
CA ASP C 101 -4.17 10.07 -3.24
C ASP C 101 -4.12 9.32 -4.58
N GLY C 102 -3.20 8.36 -4.69
CA GLY C 102 -3.15 7.51 -5.88
C GLY C 102 -2.16 7.96 -6.95
N GLY C 103 -1.67 9.19 -6.83
CA GLY C 103 -0.66 9.68 -7.75
C GLY C 103 0.59 8.82 -7.62
N ILE C 104 1.12 8.36 -8.74
CA ILE C 104 2.31 7.50 -8.73
C ILE C 104 3.33 8.00 -9.74
N CYS C 105 4.57 8.16 -9.29
CA CYS C 105 5.66 8.58 -10.16
C CYS C 105 6.78 7.55 -10.15
N ILE C 106 7.46 7.40 -11.28
CA ILE C 106 8.72 6.68 -11.30
C ILE C 106 9.78 7.62 -11.82
N ALA C 107 11.02 7.36 -11.44
CA ALA C 107 12.11 8.23 -11.88
C ALA C 107 13.39 7.42 -11.92
N ARG C 108 14.27 7.78 -12.84
CA ARG C 108 15.61 7.20 -12.85
C ARG C 108 16.63 8.28 -13.04
N ASN C 109 17.88 7.96 -12.68
CA ASN C 109 18.99 8.84 -12.93
C ASN C 109 20.25 8.01 -13.21
N ASP C 110 20.91 8.30 -14.32
CA ASP C 110 22.20 7.71 -14.65
C ASP C 110 23.29 8.74 -14.35
N ILE C 111 24.10 8.49 -13.32
CA ILE C 111 25.10 9.46 -12.88
C ILE C 111 26.51 9.07 -13.27
N THR C 112 27.17 9.96 -14.01
CA THR C 112 28.57 9.78 -14.38
C THR C 112 29.40 10.98 -13.93
N MET C 113 30.72 10.86 -14.04
CA MET C 113 31.60 11.92 -13.62
C MET C 113 32.76 12.12 -14.59
N GLU C 114 32.93 13.35 -15.06
CA GLU C 114 34.10 13.73 -15.84
C GLU C 114 34.80 14.87 -15.13
N GLY C 115 36.01 14.61 -14.64
CA GLY C 115 36.77 15.60 -13.91
C GLY C 115 36.05 16.18 -12.71
N ASP C 116 35.64 17.43 -12.83
CA ASP C 116 35.07 18.19 -11.72
C ASP C 116 33.55 18.23 -11.75
N THR C 117 32.95 17.44 -12.64
CA THR C 117 31.52 17.57 -12.89
C THR C 117 30.76 16.24 -12.89
N PHE C 118 29.69 16.17 -12.09
CA PHE C 118 28.75 15.07 -12.17
C PHE C 118 27.77 15.32 -13.31
N TYR C 119 27.45 14.27 -14.06
CA TYR C 119 26.46 14.37 -15.12
C TYR C 119 25.28 13.46 -14.79
N ASN C 120 24.09 14.02 -14.93
CA ASN C 120 22.87 13.35 -14.51
C ASN C 120 21.85 13.28 -15.65
N LYS C 121 21.60 12.07 -16.14
CA LYS C 121 20.53 11.85 -17.12
C LYS C 121 19.29 11.37 -16.37
N VAL C 122 18.35 12.29 -16.11
CA VAL C 122 17.18 11.99 -15.27
C VAL C 122 15.91 11.85 -16.10
N ARG C 123 15.06 10.89 -15.74
CA ARG C 123 13.75 10.72 -16.36
C ARG C 123 12.67 10.69 -15.28
N PHE C 124 11.53 11.34 -15.53
CA PHE C 124 10.48 11.42 -14.53
C PHE C 124 9.10 11.21 -15.16
N HIS C 125 8.36 10.22 -14.68
CA HIS C 125 7.03 9.96 -15.23
C HIS C 125 6.01 9.84 -14.11
N GLY C 126 4.90 10.56 -14.24
CA GLY C 126 3.87 10.58 -13.22
C GLY C 126 2.48 10.38 -13.80
N VAL C 127 1.66 9.58 -13.11
CA VAL C 127 0.30 9.29 -13.56
C VAL C 127 -0.70 9.37 -12.41
N ASN C 128 -1.98 9.42 -12.77
CA ASN C 128 -3.08 9.29 -11.81
C ASN C 128 -3.17 10.34 -10.70
N PHE C 129 -2.61 11.53 -10.91
CA PHE C 129 -2.83 12.62 -9.97
C PHE C 129 -4.22 13.18 -10.20
N PRO C 130 -5.05 13.21 -9.14
CA PRO C 130 -6.40 13.75 -9.33
C PRO C 130 -6.40 15.26 -9.58
N ALA C 131 -7.32 15.74 -10.42
CA ALA C 131 -7.30 17.12 -10.90
C ALA C 131 -7.38 18.19 -9.81
N ASN C 132 -8.09 17.87 -8.73
CA ASN C 132 -8.26 18.81 -7.64
C ASN C 132 -7.39 18.49 -6.42
N GLY C 133 -6.40 17.62 -6.64
CA GLY C 133 -5.42 17.33 -5.62
C GLY C 133 -4.36 18.42 -5.58
N PRO C 134 -3.52 18.40 -4.52
CA PRO C 134 -2.54 19.46 -4.28
C PRO C 134 -1.45 19.55 -5.35
N VAL C 135 -1.24 18.45 -6.08
CA VAL C 135 -0.23 18.40 -7.13
C VAL C 135 -0.67 19.14 -8.39
N MET C 136 -1.86 18.84 -8.88
CA MET C 136 -2.35 19.53 -10.08
C MET C 136 -2.81 20.95 -9.74
N GLN C 137 -3.11 21.18 -8.47
CA GLN C 137 -3.58 22.50 -8.04
C GLN C 137 -2.45 23.39 -7.51
N LYS C 138 -1.22 22.87 -7.52
CA LYS C 138 -0.05 23.61 -7.03
C LYS C 138 -0.27 24.17 -5.62
N LYS C 139 -0.61 23.28 -4.69
CA LYS C 139 -0.92 23.69 -3.33
C LYS C 139 0.13 23.22 -2.34
N THR C 140 1.28 22.76 -2.86
CA THR C 140 2.37 22.32 -1.99
C THR C 140 3.28 23.49 -1.63
N LEU C 141 3.91 23.40 -0.46
CA LEU C 141 4.81 24.45 -0.01
C LEU C 141 6.27 23.97 -0.05
N LYS C 142 6.51 22.80 0.53
CA LYS C 142 7.85 22.25 0.65
C LYS C 142 7.79 20.80 1.09
N TRP C 143 8.89 20.07 0.89
CA TRP C 143 9.07 18.80 1.55
C TRP C 143 9.51 19.10 2.97
N GLU C 144 8.99 18.35 3.93
CA GLU C 144 9.51 18.41 5.28
C GLU C 144 10.83 17.64 5.31
N PRO C 145 11.69 17.91 6.30
CA PRO C 145 12.91 17.11 6.46
C PRO C 145 12.53 15.64 6.61
N SER C 146 13.29 14.76 5.97
CA SER C 146 12.93 13.35 5.93
C SER C 146 14.08 12.47 6.41
N THR C 147 13.80 11.20 6.58
CA THR C 147 14.83 10.23 6.96
C THR C 147 14.71 9.00 6.08
N GLU C 148 15.70 8.79 5.24
CA GLU C 148 15.73 7.65 4.32
C GLU C 148 16.34 6.45 5.03
N LYS C 149 15.66 5.31 4.93
CA LYS C 149 16.16 4.07 5.51
C LYS C 149 16.86 3.26 4.42
N MET C 150 18.16 3.03 4.62
CA MET C 150 19.01 2.37 3.64
C MET C 150 19.29 0.93 4.06
N TYR C 151 19.04 -0.02 3.16
CA TYR C 151 19.30 -1.42 3.46
C TYR C 151 19.45 -2.21 2.17
N VAL C 152 20.04 -3.39 2.29
CA VAL C 152 20.22 -4.26 1.13
C VAL C 152 19.01 -5.14 0.96
N ARG C 153 18.35 -5.00 -0.19
CA ARG C 153 17.12 -5.72 -0.48
C ARG C 153 17.28 -6.47 -1.80
N ASP C 154 17.15 -7.79 -1.73
CA ASP C 154 17.40 -8.64 -2.89
C ASP C 154 18.76 -8.30 -3.51
N GLY C 155 19.77 -8.16 -2.66
CA GLY C 155 21.13 -7.89 -3.10
C GLY C 155 21.41 -6.51 -3.65
N VAL C 156 20.45 -5.61 -3.51
CA VAL C 156 20.59 -4.24 -4.00
C VAL C 156 20.31 -3.21 -2.90
N LEU C 157 21.20 -2.24 -2.75
CA LEU C 157 21.01 -1.15 -1.80
C LEU C 157 19.71 -0.41 -2.10
N THR C 158 18.86 -0.29 -1.08
CA THR C 158 17.53 0.27 -1.26
C THR C 158 17.25 1.34 -0.21
N GLY C 159 16.62 2.43 -0.64
CA GLY C 159 16.26 3.51 0.27
C GLY C 159 14.76 3.70 0.30
N ASP C 160 14.17 3.54 1.49
CA ASP C 160 12.74 3.74 1.68
C ASP C 160 12.50 4.99 2.52
N ILE C 161 11.63 5.86 2.04
CA ILE C 161 11.29 7.08 2.77
C ILE C 161 9.78 7.21 2.95
N THR C 162 9.37 7.61 4.14
CA THR C 162 8.02 8.04 4.42
C THR C 162 8.08 9.57 4.50
N ALA C 163 7.68 10.22 3.42
CA ALA C 163 7.88 11.66 3.31
C ALA C 163 6.56 12.41 3.35
N ALA C 164 6.64 13.72 3.59
CA ALA C 164 5.45 14.55 3.63
C ALA C 164 5.71 15.90 2.97
N LEU C 165 4.79 16.28 2.08
CA LEU C 165 4.78 17.63 1.53
C LEU C 165 3.88 18.48 2.41
N LEU C 166 4.38 19.62 2.86
CA LEU C 166 3.56 20.59 3.56
C LEU C 166 2.67 21.31 2.55
N LEU C 167 1.38 21.40 2.84
CA LEU C 167 0.44 22.08 1.96
C LEU C 167 0.03 23.44 2.52
N GLU C 168 -0.51 24.28 1.64
CA GLU C 168 -1.17 25.49 2.09
C GLU C 168 -2.34 25.06 2.96
N GLY C 169 -2.56 25.77 4.06
CA GLY C 169 -3.62 25.41 4.98
C GLY C 169 -3.17 24.46 6.07
N ASN C 170 -1.86 24.37 6.28
CA ASN C 170 -1.27 23.58 7.37
C ASN C 170 -1.48 22.06 7.31
N ALA C 171 -1.83 21.55 6.14
CA ALA C 171 -2.05 20.12 5.98
C ALA C 171 -0.81 19.46 5.39
N HIS C 172 -0.70 18.14 5.54
CA HIS C 172 0.40 17.40 4.94
C HIS C 172 -0.10 16.39 3.92
N TYR C 173 0.75 16.10 2.94
CA TYR C 173 0.41 15.22 1.82
C TYR C 173 1.49 14.15 1.74
N ARG C 174 1.11 12.91 2.01
CA ARG C 174 2.07 11.82 2.20
C ARG C 174 2.59 11.22 0.89
N CYS C 175 3.88 10.90 0.88
CA CYS C 175 4.50 10.21 -0.25
C CYS C 175 5.48 9.14 0.23
N ASP C 176 5.24 7.90 -0.19
CA ASP C 176 6.18 6.81 0.10
C ASP C 176 7.09 6.59 -1.10
N SER C 177 8.39 6.72 -0.88
CA SER C 177 9.34 6.53 -1.96
C SER C 177 10.27 5.34 -1.71
N ARG C 178 10.55 4.62 -2.78
CA ARG C 178 11.52 3.53 -2.72
C ARG C 178 12.52 3.72 -3.84
N THR C 179 13.80 3.82 -3.46
CA THR C 179 14.86 4.00 -4.43
C THR C 179 15.80 2.79 -4.41
N THR C 180 16.16 2.29 -5.59
CA THR C 180 17.16 1.24 -5.69
C THR C 180 18.42 1.83 -6.31
N TYR C 181 19.56 1.56 -5.69
CA TYR C 181 20.82 2.16 -6.09
C TYR C 181 21.79 1.11 -6.61
N LYS C 182 22.33 1.31 -7.80
CA LYS C 182 23.20 0.32 -8.43
C LYS C 182 24.50 0.91 -8.96
N ALA C 183 25.62 0.45 -8.41
CA ALA C 183 26.93 0.85 -8.90
C ALA C 183 27.21 0.24 -10.27
N LYS C 184 27.95 0.98 -11.10
CA LYS C 184 28.28 0.51 -12.44
C LYS C 184 29.44 -0.49 -12.44
N GLU C 185 30.39 -0.29 -11.53
CA GLU C 185 31.57 -1.14 -11.43
C GLU C 185 31.40 -2.24 -10.38
N LYS C 186 32.05 -3.38 -10.61
CA LYS C 186 32.04 -4.46 -9.62
C LYS C 186 32.89 -4.11 -8.41
N GLY C 187 32.72 -4.89 -7.34
CA GLY C 187 33.58 -4.75 -6.17
C GLY C 187 33.22 -3.63 -5.22
N VAL C 188 32.04 -3.03 -5.39
CA VAL C 188 31.59 -2.01 -4.46
C VAL C 188 30.86 -2.65 -3.27
N LYS C 189 31.45 -2.50 -2.09
CA LYS C 189 30.94 -3.11 -0.87
C LYS C 189 29.58 -2.54 -0.50
N LEU C 190 28.66 -3.43 -0.13
CA LEU C 190 27.32 -3.03 0.27
C LEU C 190 27.35 -2.61 1.73
N PRO C 191 26.65 -1.52 2.06
CA PRO C 191 26.59 -1.04 3.45
C PRO C 191 25.60 -1.85 4.27
N GLY C 192 25.74 -1.79 5.59
CA GLY C 192 24.75 -2.36 6.48
C GLY C 192 23.63 -1.34 6.65
N TYR C 193 22.55 -1.72 7.32
CA TYR C 193 21.44 -0.80 7.59
C TYR C 193 21.93 0.54 8.13
N HIS C 194 21.42 1.63 7.56
CA HIS C 194 21.70 2.95 8.08
C HIS C 194 20.62 3.95 7.68
N LEU C 195 20.68 5.14 8.28
CA LEU C 195 19.69 6.18 8.02
C LEU C 195 20.34 7.34 7.27
N VAL C 196 19.56 8.07 6.50
CA VAL C 196 20.03 9.30 5.91
C VAL C 196 19.00 10.40 6.13
N ASP C 197 19.39 11.43 6.88
CA ASP C 197 18.52 12.59 7.05
C ASP C 197 18.65 13.48 5.83
N HIS C 198 17.51 13.98 5.34
CA HIS C 198 17.50 14.91 4.23
C HIS C 198 16.83 16.21 4.63
N CYS C 199 17.24 17.29 3.99
CA CYS C 199 16.47 18.52 3.99
C CYS C 199 16.63 19.16 2.62
N ILE C 200 15.55 19.21 1.85
CA ILE C 200 15.59 19.81 0.52
C ILE C 200 14.73 21.08 0.49
N GLU C 201 15.21 22.09 -0.22
CA GLU C 201 14.56 23.39 -0.17
C GLU C 201 14.67 24.17 -1.48
N ILE C 202 13.54 24.65 -1.97
CA ILE C 202 13.55 25.64 -3.04
C ILE C 202 13.83 26.99 -2.41
N LEU C 203 15.03 27.51 -2.64
CA LEU C 203 15.44 28.80 -2.08
C LEU C 203 14.76 29.95 -2.80
N SER C 204 14.57 29.80 -4.10
CA SER C 204 13.93 30.85 -4.90
C SER C 204 13.41 30.30 -6.23
N HIS C 205 12.41 30.98 -6.77
CA HIS C 205 11.83 30.61 -8.04
C HIS C 205 11.17 31.84 -8.64
N ASP C 206 10.95 31.83 -9.95
CA ASP C 206 10.13 32.85 -10.56
C ASP C 206 8.67 32.41 -10.41
N LYS C 207 7.74 33.23 -10.89
CA LYS C 207 6.32 32.97 -10.65
C LYS C 207 5.84 31.63 -11.22
N ASP C 208 6.34 31.25 -12.40
CA ASP C 208 5.88 30.03 -13.06
C ASP C 208 6.78 28.83 -12.81
N TYR C 209 7.78 28.98 -11.95
CA TYR C 209 8.76 27.92 -11.69
C TYR C 209 9.47 27.47 -12.96
N ASN C 210 9.68 28.40 -13.89
CA ASN C 210 10.48 28.12 -15.08
C ASN C 210 11.96 28.19 -14.70
N LYS C 211 12.22 28.91 -13.61
CA LYS C 211 13.55 29.05 -13.06
C LYS C 211 13.50 28.84 -11.54
N VAL C 212 14.29 27.89 -11.05
CA VAL C 212 14.21 27.45 -9.67
C VAL C 212 15.61 27.24 -9.10
N LYS C 213 15.85 27.74 -7.89
CA LYS C 213 17.11 27.46 -7.21
C LYS C 213 16.85 26.45 -6.09
N LEU C 214 17.50 25.30 -6.20
CA LEU C 214 17.22 24.18 -5.31
C LEU C 214 18.44 23.91 -4.42
N TYR C 215 18.20 23.40 -3.22
CA TYR C 215 19.26 23.11 -2.27
C TYR C 215 18.96 21.85 -1.46
N GLU C 216 19.97 21.04 -1.21
CA GLU C 216 19.77 19.86 -0.37
C GLU C 216 20.91 19.69 0.62
N HIS C 217 20.56 19.22 1.81
CA HIS C 217 21.55 18.89 2.84
C HIS C 217 21.24 17.48 3.32
N ALA C 218 22.21 16.58 3.21
CA ALA C 218 22.01 15.18 3.62
C ALA C 218 23.12 14.66 4.51
N VAL C 219 22.74 13.90 5.54
CA VAL C 219 23.68 13.37 6.52
C VAL C 219 23.32 11.93 6.88
N ALA C 220 24.26 11.01 6.67
CA ALA C 220 24.06 9.61 7.02
C ALA C 220 24.42 9.38 8.49
N HIS C 221 23.66 8.54 9.17
CA HIS C 221 23.96 8.20 10.56
C HIS C 221 23.39 6.82 10.92
N SER C 222 23.71 6.32 12.11
CA SER C 222 23.28 4.99 12.54
C SER C 222 22.04 5.02 13.42
N GLY C 223 21.48 6.21 13.63
CA GLY C 223 20.34 6.36 14.51
C GLY C 223 20.74 6.37 15.98
N LEU C 224 19.76 6.40 16.87
CA LEU C 224 20.04 6.34 18.31
C LEU C 224 20.72 5.01 18.68
N PRO C 225 21.55 5.02 19.74
CA PRO C 225 21.94 6.19 20.53
C PRO C 225 23.17 6.91 19.98
N ASP C 226 23.79 6.35 18.95
CA ASP C 226 25.00 6.93 18.36
C ASP C 226 24.73 7.68 17.05
N ASN C 227 24.35 8.95 17.17
CA ASN C 227 24.06 9.80 16.01
C ASN C 227 24.09 11.29 16.38
N MET D 7 2.42 21.93 36.91
CA MET D 7 1.17 21.53 36.25
C MET D 7 1.21 20.07 35.76
N SER D 8 2.42 19.60 35.47
CA SER D 8 2.64 18.27 34.91
C SER D 8 2.43 17.00 35.76
N ALA D 9 3.03 16.97 36.93
CA ALA D 9 3.01 15.77 37.79
C ALA D 9 3.69 14.56 37.14
N ILE D 10 4.37 14.78 36.01
CA ILE D 10 5.27 13.77 35.47
C ILE D 10 6.61 13.88 36.19
N LYS D 11 7.02 12.78 36.84
CA LYS D 11 8.23 12.78 37.64
C LYS D 11 9.44 12.38 36.79
N PRO D 12 10.63 12.88 37.15
CA PRO D 12 11.86 12.52 36.43
C PRO D 12 12.07 11.01 36.41
N ASP D 13 11.61 10.35 37.47
CA ASP D 13 11.65 8.89 37.53
C ASP D 13 10.24 8.36 37.69
N MET D 14 9.79 7.59 36.71
CA MET D 14 8.43 7.07 36.71
C MET D 14 8.42 5.55 36.64
N LYS D 15 7.45 4.95 37.31
CA LYS D 15 7.24 3.52 37.21
C LYS D 15 6.23 3.21 36.10
N ILE D 16 6.37 2.03 35.50
CA ILE D 16 5.52 1.64 34.40
C ILE D 16 4.87 0.29 34.69
N ASN D 17 3.55 0.27 34.60
CA ASN D 17 2.77 -0.95 34.81
C ASN D 17 2.03 -1.23 33.52
N LEU D 18 2.17 -2.44 33.00
CA LEU D 18 1.59 -2.73 31.69
C LEU D 18 0.85 -4.06 31.70
N ARG D 19 -0.26 -4.09 30.97
CA ARG D 19 -1.06 -5.29 30.80
C ARG D 19 -1.45 -5.42 29.34
N MET D 20 -0.83 -6.36 28.64
CA MET D 20 -1.21 -6.63 27.25
C MET D 20 -1.98 -7.93 27.13
N GLU D 21 -3.02 -7.90 26.31
CA GLU D 21 -3.72 -9.10 25.90
C GLU D 21 -3.83 -9.03 24.39
N GLY D 22 -3.81 -10.18 23.73
CA GLY D 22 -3.85 -10.15 22.29
C GLY D 22 -3.98 -11.49 21.59
N ASN D 23 -4.02 -11.41 20.27
CA ASN D 23 -4.20 -12.60 19.45
C ASN D 23 -3.46 -12.38 18.14
N VAL D 24 -2.50 -13.27 17.86
CA VAL D 24 -1.81 -13.27 16.58
C VAL D 24 -1.96 -14.65 15.96
N ASN D 25 -2.43 -14.69 14.71
CA ASN D 25 -2.59 -15.95 13.97
C ASN D 25 -3.58 -16.91 14.63
N GLY D 26 -4.50 -16.38 15.43
CA GLY D 26 -5.45 -17.20 16.13
C GLY D 26 -4.95 -17.61 17.51
N HIS D 27 -3.71 -17.24 17.81
CA HIS D 27 -3.10 -17.59 19.09
C HIS D 27 -3.25 -16.46 20.11
N HIS D 28 -4.03 -16.71 21.16
CA HIS D 28 -4.26 -15.74 22.23
C HIS D 28 -3.11 -15.73 23.25
N PHE D 29 -2.86 -14.55 23.83
CA PHE D 29 -1.83 -14.43 24.85
C PHE D 29 -2.08 -13.27 25.81
N VAL D 30 -1.49 -13.38 27.00
CA VAL D 30 -1.51 -12.30 27.97
C VAL D 30 -0.07 -12.06 28.44
N ILE D 31 0.36 -10.79 28.42
CA ILE D 31 1.72 -10.45 28.83
C ILE D 31 1.73 -9.27 29.81
N ASP D 32 2.39 -9.45 30.95
CA ASP D 32 2.52 -8.37 31.93
C ASP D 32 3.89 -7.71 31.85
N GLY D 33 3.92 -6.40 32.07
CA GLY D 33 5.18 -5.67 32.10
C GLY D 33 5.36 -4.85 33.37
N ASP D 34 6.57 -4.90 33.91
CA ASP D 34 6.94 -4.08 35.05
C ASP D 34 8.22 -3.34 34.73
N GLY D 35 8.17 -2.01 34.76
CA GLY D 35 9.33 -1.23 34.39
C GLY D 35 9.49 0.11 35.08
N THR D 36 10.58 0.79 34.75
CA THR D 36 10.82 2.16 35.18
C THR D 36 11.40 2.93 34.01
N GLY D 37 11.29 4.26 34.05
CA GLY D 37 11.76 5.06 32.95
C GLY D 37 11.98 6.51 33.35
N LYS D 38 12.58 7.27 32.44
CA LYS D 38 12.86 8.67 32.68
C LYS D 38 12.30 9.48 31.53
N PRO D 39 11.07 9.99 31.68
CA PRO D 39 10.34 10.70 30.63
C PRO D 39 11.17 11.80 29.97
N PHE D 40 11.92 12.54 30.78
CA PHE D 40 12.65 13.70 30.25
C PHE D 40 14.00 13.33 29.61
N GLU D 41 14.43 12.09 29.82
CA GLU D 41 15.61 11.56 29.12
C GLU D 41 15.18 10.70 27.93
N GLY D 42 13.89 10.40 27.85
CA GLY D 42 13.37 9.59 26.77
C GLY D 42 13.80 8.14 26.86
N LYS D 43 14.00 7.66 28.08
CA LYS D 43 14.48 6.30 28.30
C LYS D 43 13.54 5.52 29.20
N GLN D 44 13.37 4.24 28.88
CA GLN D 44 12.59 3.35 29.71
C GLN D 44 13.04 1.92 29.50
N SER D 45 12.82 1.08 30.50
CA SER D 45 13.09 -0.33 30.41
C SER D 45 11.94 -1.05 31.10
N MET D 46 11.77 -2.33 30.77
CA MET D 46 10.63 -3.08 31.30
C MET D 46 10.90 -4.57 31.30
N ASP D 47 10.51 -5.23 32.37
CA ASP D 47 10.55 -6.68 32.44
C ASP D 47 9.19 -7.22 32.03
N LEU D 48 9.18 -8.02 30.97
CA LEU D 48 7.95 -8.59 30.45
C LEU D 48 7.85 -10.07 30.78
N GLU D 49 6.65 -10.52 31.14
CA GLU D 49 6.42 -11.91 31.44
C GLU D 49 5.15 -12.41 30.74
N VAL D 50 5.28 -13.49 29.98
CA VAL D 50 4.13 -14.09 29.31
C VAL D 50 3.33 -14.94 30.31
N LYS D 51 2.12 -14.50 30.63
CA LYS D 51 1.31 -15.16 31.64
C LYS D 51 0.40 -16.23 31.05
N GLU D 52 -0.07 -15.98 29.82
CA GLU D 52 -0.89 -16.95 29.09
C GLU D 52 -0.47 -16.97 27.63
N GLY D 53 -0.45 -18.16 27.01
CA GLY D 53 -0.13 -18.26 25.60
C GLY D 53 1.32 -18.64 25.28
N GLY D 54 2.11 -18.84 26.33
CA GLY D 54 3.51 -19.22 26.16
C GLY D 54 3.69 -20.71 25.99
N PRO D 55 4.68 -21.11 25.19
CA PRO D 55 5.59 -20.22 24.45
C PRO D 55 4.93 -19.64 23.21
N LEU D 56 5.19 -18.35 22.95
CA LEU D 56 4.68 -17.70 21.76
C LEU D 56 5.21 -18.37 20.49
N PRO D 57 4.32 -18.67 19.54
CA PRO D 57 4.70 -19.30 18.26
C PRO D 57 5.14 -18.29 17.20
N PHE D 58 5.17 -17.01 17.57
CA PHE D 58 5.57 -15.96 16.63
C PHE D 58 6.70 -15.11 17.21
N ALA D 59 7.33 -14.33 16.34
CA ALA D 59 8.45 -13.47 16.71
C ALA D 59 8.02 -12.43 17.75
N PHE D 60 8.69 -12.42 18.89
CA PHE D 60 8.35 -11.50 19.98
C PHE D 60 8.52 -10.04 19.54
N ASP D 61 9.45 -9.80 18.62
CA ASP D 61 9.77 -8.44 18.17
C ASP D 61 8.59 -7.63 17.67
N ILE D 62 7.60 -8.28 17.05
CA ILE D 62 6.45 -7.56 16.51
C ILE D 62 5.60 -6.91 17.61
N LEU D 63 5.80 -7.36 18.85
CA LEU D 63 5.03 -6.87 19.99
C LEU D 63 5.69 -5.70 20.69
N THR D 64 6.98 -5.49 20.43
CA THR D 64 7.78 -4.64 21.30
C THR D 64 7.45 -3.15 21.27
N THR D 65 7.05 -2.62 20.11
CA THR D 65 6.67 -1.21 20.06
C THR D 65 5.33 -0.96 20.75
N ALA D 66 4.58 -2.02 21.00
CA ALA D 66 3.33 -1.90 21.73
C ALA D 66 3.59 -1.80 23.22
N PHE D 67 4.69 -2.41 23.67
CA PHE D 67 5.12 -2.28 25.07
C PHE D 67 5.79 -0.93 25.28
C11 CR8 D 68 10.49 2.18 17.28
C12 CR8 D 68 10.61 1.92 18.67
C4 CR8 D 68 9.34 2.79 16.81
C5 CR8 D 68 8.31 3.12 17.70
C6 CR8 D 68 9.58 2.24 19.54
C7 CR8 D 68 8.42 2.84 19.06
C8 CR8 D 68 7.29 3.22 19.95
CA2 CR8 D 68 6.91 2.64 21.25
C10 CR8 D 68 9.60 -0.58 27.68
O13 CR8 D 68 11.42 1.90 16.48
N11 CR8 D 68 10.78 -0.82 27.08
C2 CR8 D 68 5.70 2.78 21.89
N3 CR8 D 68 5.70 2.14 23.06
C1 CR8 D 68 6.94 1.59 23.16
N2 CR8 D 68 7.70 1.90 22.06
C20 CR8 D 68 8.90 0.66 24.29
C21 CR8 D 68 9.43 0.10 25.59
N22 CR8 D 68 8.77 -0.02 26.76
C23 CR8 D 68 10.70 -0.41 25.80
O2 CR8 D 68 4.70 3.42 21.39
N1 CR8 D 68 6.79 -0.54 24.24
CA1 CR8 D 68 7.39 0.78 24.32
C3 CR8 D 68 3.79 3.27 24.18
CA3 CR8 D 68 4.61 2.00 24.04
O3 CR8 D 68 2.81 3.25 24.89
N ASN D 69 4.77 4.28 24.70
CA ASN D 69 4.41 5.51 25.40
C ASN D 69 5.36 6.65 25.06
N ARG D 70 4.94 7.54 24.17
CA ARG D 70 5.80 8.63 23.68
C ARG D 70 6.08 9.71 24.73
N VAL D 71 5.55 9.53 25.94
CA VAL D 71 5.97 10.33 27.09
C VAL D 71 7.46 10.10 27.32
N PHE D 72 7.89 8.86 27.09
CA PHE D 72 9.29 8.51 27.21
C PHE D 72 10.04 8.86 25.93
N ALA D 73 10.14 10.16 25.69
CA ALA D 73 10.87 10.71 24.56
C ALA D 73 11.37 12.09 24.95
N GLU D 74 12.64 12.36 24.68
CA GLU D 74 13.20 13.66 25.02
C GLU D 74 12.75 14.72 24.01
N TYR D 75 11.90 15.64 24.46
CA TYR D 75 11.42 16.73 23.62
C TYR D 75 12.19 18.02 23.90
N PRO D 76 12.68 18.67 22.83
CA PRO D 76 13.32 19.99 22.98
C PRO D 76 12.27 21.05 23.25
N ASP D 77 12.67 22.20 23.80
CA ASP D 77 11.74 23.26 24.15
C ASP D 77 11.02 23.85 22.94
N HIS D 78 11.66 23.83 21.79
CA HIS D 78 11.09 24.42 20.58
C HIS D 78 10.08 23.51 19.89
N ILE D 79 9.96 22.28 20.37
CA ILE D 79 8.92 21.37 19.88
C ILE D 79 7.84 21.12 20.94
N GLN D 80 6.58 21.32 20.57
CA GLN D 80 5.47 21.03 21.46
C GLN D 80 5.43 19.55 21.88
N ASP D 81 5.36 19.32 23.19
CA ASP D 81 5.33 17.96 23.73
C ASP D 81 3.90 17.55 24.06
N TYR D 82 3.19 17.02 23.07
CA TYR D 82 1.80 16.62 23.21
C TYR D 82 1.58 15.65 24.37
N PHE D 83 2.54 14.76 24.56
CA PHE D 83 2.38 13.61 25.44
C PHE D 83 2.53 13.94 26.92
N LYS D 84 3.55 14.73 27.25
CA LYS D 84 3.71 15.18 28.62
C LYS D 84 2.58 16.16 28.97
N GLN D 85 2.14 16.91 27.98
CA GLN D 85 1.04 17.86 28.15
C GLN D 85 -0.31 17.16 28.30
N SER D 86 -0.36 15.88 27.94
CA SER D 86 -1.59 15.11 28.03
C SER D 86 -1.90 14.65 29.44
N PHE D 87 -0.91 14.80 30.33
CA PHE D 87 -1.09 14.38 31.72
C PHE D 87 -1.42 15.56 32.64
N PRO D 88 -2.09 15.31 33.78
CA PRO D 88 -2.39 14.04 34.45
C PRO D 88 -3.50 13.15 33.85
N LYS D 89 -4.41 13.70 33.05
CA LYS D 89 -5.55 12.90 32.57
C LYS D 89 -5.17 11.70 31.69
N GLY D 90 -4.03 11.79 31.01
CA GLY D 90 -3.54 10.69 30.22
C GLY D 90 -3.93 10.77 28.76
N TYR D 91 -3.67 9.71 28.01
CA TYR D 91 -3.98 9.68 26.59
C TYR D 91 -4.03 8.24 26.09
N SER D 92 -4.45 8.07 24.83
CA SER D 92 -4.54 6.76 24.22
C SER D 92 -4.00 6.81 22.80
N TRP D 93 -3.52 5.68 22.31
CA TRP D 93 -3.15 5.59 20.90
C TRP D 93 -3.68 4.33 20.24
N GLU D 94 -3.87 4.39 18.94
CA GLU D 94 -4.19 3.21 18.13
C GLU D 94 -3.07 3.08 17.10
N ARG D 95 -2.83 1.86 16.60
CA ARG D 95 -1.72 1.68 15.68
C ARG D 95 -1.98 0.60 14.66
N SER D 96 -1.61 0.85 13.41
CA SER D 96 -1.62 -0.21 12.42
C SER D 96 -0.18 -0.55 12.04
N LEU D 97 0.12 -1.84 11.96
CA LEU D 97 1.42 -2.31 11.52
C LEU D 97 1.25 -3.11 10.22
N THR D 98 1.73 -2.56 9.11
CA THR D 98 1.59 -3.23 7.81
C THR D 98 2.92 -3.82 7.33
N PHE D 99 3.01 -5.14 7.39
CA PHE D 99 4.24 -5.84 7.00
C PHE D 99 4.23 -6.15 5.51
N GLU D 100 5.42 -6.23 4.91
CA GLU D 100 5.56 -6.33 3.46
C GLU D 100 5.03 -7.64 2.89
N ASP D 101 4.84 -8.65 3.72
CA ASP D 101 4.28 -9.92 3.23
C ASP D 101 2.79 -10.10 3.54
N GLY D 102 2.12 -9.01 3.90
CA GLY D 102 0.68 -9.04 4.08
C GLY D 102 0.21 -9.26 5.51
N GLY D 103 1.13 -9.57 6.41
CA GLY D 103 0.80 -9.68 7.81
C GLY D 103 0.39 -8.30 8.31
N ILE D 104 -0.72 -8.24 9.05
CA ILE D 104 -1.22 -6.95 9.53
C ILE D 104 -1.63 -6.97 11.00
N CYS D 105 -1.12 -6.01 11.76
CA CYS D 105 -1.45 -5.90 13.17
C CYS D 105 -2.12 -4.58 13.50
N ILE D 106 -3.07 -4.62 14.45
CA ILE D 106 -3.53 -3.40 15.07
C ILE D 106 -3.25 -3.46 16.57
N ALA D 107 -3.09 -2.31 17.20
CA ALA D 107 -2.87 -2.27 18.64
C ALA D 107 -3.44 -1.01 19.25
N ARG D 108 -3.72 -1.06 20.55
CA ARG D 108 -4.18 0.11 21.27
C ARG D 108 -3.50 0.14 22.62
N ASN D 109 -3.39 1.33 23.18
CA ASN D 109 -2.95 1.48 24.56
C ASN D 109 -3.71 2.65 25.18
N ASP D 110 -4.33 2.40 26.32
CA ASP D 110 -4.93 3.47 27.12
C ASP D 110 -3.96 3.75 28.25
N ILE D 111 -3.42 4.96 28.26
CA ILE D 111 -2.37 5.30 29.22
C ILE D 111 -2.87 6.27 30.27
N THR D 112 -2.70 5.88 31.54
CA THR D 112 -3.13 6.70 32.66
C THR D 112 -1.98 6.84 33.64
N MET D 113 -2.10 7.78 34.56
CA MET D 113 -1.09 7.96 35.58
C MET D 113 -1.73 8.03 36.96
N GLU D 114 -1.20 7.22 37.88
CA GLU D 114 -1.57 7.33 39.29
C GLU D 114 -0.30 7.55 40.09
N GLY D 115 -0.11 8.76 40.60
CA GLY D 115 1.09 9.10 41.33
C GLY D 115 2.33 8.99 40.46
N ASP D 116 3.23 8.08 40.83
CA ASP D 116 4.49 7.93 40.11
C ASP D 116 4.53 6.71 39.18
N THR D 117 3.35 6.23 38.78
CA THR D 117 3.27 5.05 37.94
C THR D 117 2.34 5.25 36.73
N PHE D 118 2.82 4.89 35.55
CA PHE D 118 1.98 4.85 34.36
C PHE D 118 1.30 3.50 34.26
N TYR D 119 0.02 3.50 33.97
CA TYR D 119 -0.69 2.26 33.73
C TYR D 119 -1.04 2.15 32.24
N ASN D 120 -0.72 1.00 31.66
CA ASN D 120 -0.92 0.77 30.24
C ASN D 120 -1.82 -0.43 29.99
N LYS D 121 -3.00 -0.17 29.43
CA LYS D 121 -3.89 -1.23 29.01
C LYS D 121 -3.72 -1.44 27.50
N VAL D 122 -3.02 -2.50 27.15
CA VAL D 122 -2.62 -2.71 25.76
C VAL D 122 -3.33 -3.89 25.13
N ARG D 123 -3.75 -3.71 23.88
CA ARG D 123 -4.36 -4.77 23.09
C ARG D 123 -3.60 -4.89 21.77
N PHE D 124 -3.42 -6.12 21.30
CA PHE D 124 -2.63 -6.38 20.11
C PHE D 124 -3.22 -7.53 19.31
N HIS D 125 -3.62 -7.26 18.07
CA HIS D 125 -4.14 -8.31 17.22
C HIS D 125 -3.42 -8.34 15.87
N GLY D 126 -3.02 -9.53 15.43
CA GLY D 126 -2.32 -9.67 14.15
C GLY D 126 -2.92 -10.77 13.29
N VAL D 127 -3.07 -10.50 12.00
CA VAL D 127 -3.62 -11.50 11.07
C VAL D 127 -2.78 -11.67 9.82
N ASN D 128 -3.04 -12.75 9.10
CA ASN D 128 -2.46 -13.00 7.77
C ASN D 128 -0.94 -13.10 7.69
N PHE D 129 -0.30 -13.54 8.76
CA PHE D 129 1.13 -13.80 8.67
C PHE D 129 1.35 -15.13 7.99
N PRO D 130 2.16 -15.15 6.92
CA PRO D 130 2.47 -16.38 6.20
C PRO D 130 3.15 -17.42 7.11
N ALA D 131 2.78 -18.69 6.96
CA ALA D 131 3.34 -19.77 7.78
C ALA D 131 4.86 -19.81 7.76
N ASN D 132 5.44 -19.47 6.61
CA ASN D 132 6.88 -19.54 6.43
C ASN D 132 7.59 -18.18 6.39
N GLY D 133 6.86 -17.10 6.67
CA GLY D 133 7.48 -15.80 6.81
C GLY D 133 8.31 -15.72 8.08
N PRO D 134 9.10 -14.64 8.21
CA PRO D 134 10.03 -14.49 9.34
C PRO D 134 9.35 -14.33 10.69
N VAL D 135 8.09 -13.90 10.71
CA VAL D 135 7.36 -13.74 11.97
C VAL D 135 6.96 -15.07 12.58
N MET D 136 6.26 -15.91 11.82
CA MET D 136 5.85 -17.21 12.33
C MET D 136 7.04 -18.16 12.47
N GLN D 137 8.10 -17.88 11.71
CA GLN D 137 9.29 -18.72 11.77
C GLN D 137 10.35 -18.17 12.71
N LYS D 138 10.04 -17.05 13.38
CA LYS D 138 10.94 -16.46 14.37
C LYS D 138 12.35 -16.23 13.84
N LYS D 139 12.44 -15.52 12.73
CA LYS D 139 13.71 -15.24 12.10
C LYS D 139 14.13 -13.79 12.30
N THR D 140 13.41 -13.09 13.17
CA THR D 140 13.71 -11.68 13.45
C THR D 140 14.82 -11.57 14.49
N LEU D 141 15.60 -10.49 14.43
CA LEU D 141 16.68 -10.29 15.37
C LEU D 141 16.43 -9.07 16.25
N LYS D 142 15.97 -7.99 15.63
CA LYS D 142 15.70 -6.72 16.31
C LYS D 142 15.02 -5.76 15.35
N TRP D 143 14.34 -4.75 15.90
CA TRP D 143 13.94 -3.60 15.09
C TRP D 143 15.18 -2.75 14.89
N GLU D 144 15.37 -2.25 13.68
CA GLU D 144 16.43 -1.28 13.44
C GLU D 144 16.01 0.04 14.08
N PRO D 145 17.00 0.88 14.46
CA PRO D 145 16.63 2.21 14.95
C PRO D 145 15.83 2.94 13.87
N SER D 146 14.88 3.78 14.28
CA SER D 146 13.95 4.35 13.31
C SER D 146 13.71 5.82 13.56
N THR D 147 13.01 6.46 12.63
CA THR D 147 12.61 7.84 12.77
C THR D 147 11.12 7.92 12.47
N GLU D 148 10.33 8.26 13.49
CA GLU D 148 8.90 8.42 13.32
C GLU D 148 8.58 9.84 12.85
N LYS D 149 7.74 9.94 11.81
CA LYS D 149 7.31 11.23 11.29
C LYS D 149 6.02 11.66 11.96
N MET D 150 6.09 12.72 12.78
CA MET D 150 4.93 13.22 13.52
C MET D 150 4.31 14.42 12.83
N TYR D 151 2.99 14.38 12.64
CA TYR D 151 2.26 15.46 11.99
C TYR D 151 0.79 15.31 12.30
N VAL D 152 0.00 16.34 12.03
CA VAL D 152 -1.43 16.33 12.32
C VAL D 152 -2.26 15.97 11.09
N ARG D 153 -3.18 15.03 11.25
CA ARG D 153 -4.11 14.64 10.20
C ARG D 153 -5.53 14.55 10.76
N ASP D 154 -6.44 15.33 10.19
CA ASP D 154 -7.82 15.45 10.65
C ASP D 154 -7.91 15.79 12.14
N GLY D 155 -7.13 16.79 12.55
CA GLY D 155 -7.12 17.25 13.92
C GLY D 155 -6.55 16.26 14.92
N VAL D 156 -5.78 15.29 14.44
CA VAL D 156 -5.21 14.26 15.31
C VAL D 156 -3.72 14.03 15.05
N LEU D 157 -2.93 14.04 16.11
CA LEU D 157 -1.50 13.79 16.00
C LEU D 157 -1.23 12.38 15.48
N THR D 158 -0.48 12.28 14.39
CA THR D 158 -0.23 11.00 13.72
C THR D 158 1.26 10.78 13.50
N GLY D 159 1.72 9.55 13.72
CA GLY D 159 3.12 9.23 13.49
C GLY D 159 3.27 8.11 12.47
N ASP D 160 4.09 8.34 11.46
CA ASP D 160 4.37 7.32 10.45
C ASP D 160 5.82 6.88 10.53
N ILE D 161 6.05 5.58 10.37
CA ILE D 161 7.40 5.03 10.44
C ILE D 161 7.68 4.07 9.28
N THR D 162 8.77 4.31 8.57
CA THR D 162 9.34 3.32 7.66
C THR D 162 10.22 2.40 8.50
N ALA D 163 9.63 1.36 9.08
CA ALA D 163 10.32 0.51 10.03
C ALA D 163 10.86 -0.77 9.41
N ALA D 164 11.85 -1.38 10.05
CA ALA D 164 12.47 -2.60 9.53
C ALA D 164 12.90 -3.53 10.65
N LEU D 165 12.60 -4.81 10.47
CA LEU D 165 13.13 -5.83 11.36
C LEU D 165 14.37 -6.43 10.71
N LEU D 166 15.46 -6.48 11.45
CA LEU D 166 16.65 -7.21 11.01
C LEU D 166 16.32 -8.69 11.10
N LEU D 167 16.72 -9.44 10.08
CA LEU D 167 16.49 -10.88 10.06
C LEU D 167 17.80 -11.64 10.15
N GLU D 168 17.71 -12.95 10.32
CA GLU D 168 18.85 -13.84 10.17
C GLU D 168 19.50 -13.61 8.81
N GLY D 169 20.83 -13.53 8.78
CA GLY D 169 21.54 -13.29 7.54
C GLY D 169 21.61 -11.82 7.16
N ASN D 170 21.12 -10.96 8.04
CA ASN D 170 21.13 -9.50 7.84
C ASN D 170 20.27 -9.00 6.69
N ALA D 171 19.25 -9.79 6.35
CA ALA D 171 18.21 -9.31 5.46
C ALA D 171 17.30 -8.42 6.29
N HIS D 172 16.37 -7.73 5.64
CA HIS D 172 15.40 -6.92 6.37
C HIS D 172 13.96 -7.22 5.99
N TYR D 173 13.06 -6.95 6.95
CA TYR D 173 11.63 -7.24 6.80
C TYR D 173 10.91 -5.94 7.10
N ARG D 174 10.29 -5.36 6.08
CA ARG D 174 9.73 -4.02 6.22
C ARG D 174 8.36 -4.00 6.90
N CYS D 175 8.14 -2.95 7.67
CA CYS D 175 6.85 -2.73 8.32
C CYS D 175 6.52 -1.24 8.29
N ASP D 176 5.34 -0.90 7.79
CA ASP D 176 4.87 0.48 7.86
C ASP D 176 3.97 0.65 9.07
N SER D 177 4.36 1.56 9.95
CA SER D 177 3.68 1.78 11.21
C SER D 177 2.95 3.13 11.20
N ARG D 178 1.64 3.12 11.42
CA ARG D 178 0.90 4.35 11.64
C ARG D 178 0.22 4.36 13.01
N THR D 179 0.56 5.36 13.82
CA THR D 179 -0.05 5.53 15.13
C THR D 179 -0.86 6.83 15.15
N THR D 180 -2.03 6.78 15.78
CA THR D 180 -2.80 7.98 16.03
C THR D 180 -2.81 8.23 17.54
N TYR D 181 -2.48 9.45 17.94
CA TYR D 181 -2.35 9.81 19.34
C TYR D 181 -3.45 10.78 19.76
N LYS D 182 -4.20 10.45 20.81
CA LYS D 182 -5.31 11.31 21.25
C LYS D 182 -5.25 11.58 22.75
N ALA D 183 -5.11 12.85 23.10
CA ALA D 183 -5.16 13.26 24.50
C ALA D 183 -6.56 13.03 25.04
N LYS D 184 -6.66 12.70 26.33
CA LYS D 184 -7.94 12.51 26.98
C LYS D 184 -8.60 13.87 27.21
N GLU D 185 -7.81 14.83 27.68
CA GLU D 185 -8.32 16.18 27.89
C GLU D 185 -8.49 16.89 26.56
N LYS D 186 -9.63 17.58 26.41
CA LYS D 186 -9.87 18.38 25.22
C LYS D 186 -8.99 19.63 25.26
N GLY D 187 -8.58 20.09 24.08
CA GLY D 187 -7.86 21.35 23.98
C GLY D 187 -6.35 21.31 24.09
N VAL D 188 -5.79 20.11 24.26
CA VAL D 188 -4.33 19.96 24.29
C VAL D 188 -3.76 20.39 22.94
N LYS D 189 -2.88 21.38 22.95
CA LYS D 189 -2.35 21.95 21.72
C LYS D 189 -1.53 20.97 20.91
N LEU D 190 -1.88 20.84 19.64
CA LEU D 190 -1.18 19.95 18.73
C LEU D 190 0.17 20.53 18.35
N PRO D 191 1.19 19.67 18.18
CA PRO D 191 2.52 20.12 17.76
C PRO D 191 2.57 20.27 16.26
N GLY D 192 3.58 20.98 15.77
CA GLY D 192 3.81 21.04 14.34
C GLY D 192 4.55 19.78 13.91
N TYR D 193 4.80 19.65 12.61
CA TYR D 193 5.60 18.54 12.09
C TYR D 193 6.92 18.43 12.84
N HIS D 194 7.32 17.20 13.20
CA HIS D 194 8.64 16.96 13.76
C HIS D 194 9.00 15.48 13.68
N LEU D 195 10.19 15.13 14.12
CA LEU D 195 10.66 13.77 14.05
C LEU D 195 10.92 13.22 15.45
N VAL D 196 10.78 11.91 15.60
CA VAL D 196 11.22 11.25 16.82
C VAL D 196 12.08 10.05 16.45
N ASP D 197 13.36 10.11 16.82
CA ASP D 197 14.24 8.97 16.64
C ASP D 197 13.94 7.94 17.72
N HIS D 198 13.94 6.67 17.34
CA HIS D 198 13.69 5.58 18.26
C HIS D 198 14.81 4.55 18.19
N CYS D 199 15.18 4.00 19.34
CA CYS D 199 15.97 2.78 19.36
C CYS D 199 15.39 1.85 20.42
N ILE D 200 14.78 0.76 19.97
CA ILE D 200 14.22 -0.23 20.89
C ILE D 200 15.02 -1.54 20.82
N GLU D 201 15.28 -2.13 21.99
CA GLU D 201 16.10 -3.35 22.08
C GLU D 201 15.59 -4.31 23.13
N ILE D 202 15.59 -5.60 22.79
CA ILE D 202 15.46 -6.64 23.80
C ILE D 202 16.87 -6.86 24.36
N LEU D 203 17.07 -6.50 25.63
CA LEU D 203 18.39 -6.60 26.25
C LEU D 203 18.70 -8.03 26.67
N SER D 204 17.65 -8.76 27.05
CA SER D 204 17.81 -10.16 27.42
C SER D 204 16.45 -10.86 27.37
N HIS D 205 16.48 -12.19 27.35
CA HIS D 205 15.27 -12.99 27.30
C HIS D 205 15.63 -14.43 27.56
N ASP D 206 14.67 -15.24 28.01
CA ASP D 206 14.90 -16.67 28.12
C ASP D 206 14.69 -17.32 26.76
N LYS D 207 14.93 -18.64 26.68
CA LYS D 207 14.89 -19.33 25.39
C LYS D 207 13.58 -19.16 24.62
N ASP D 208 12.44 -19.28 25.31
CA ASP D 208 11.13 -19.23 24.66
C ASP D 208 10.48 -17.85 24.73
N TYR D 209 11.28 -16.84 25.10
CA TYR D 209 10.79 -15.46 25.19
C TYR D 209 9.60 -15.30 26.14
N ASN D 210 9.55 -16.15 27.17
CA ASN D 210 8.53 -16.04 28.20
C ASN D 210 8.86 -14.91 29.16
N LYS D 211 10.15 -14.61 29.27
CA LYS D 211 10.62 -13.48 30.06
C LYS D 211 11.54 -12.63 29.18
N VAL D 212 11.26 -11.33 29.09
CA VAL D 212 12.00 -10.44 28.21
C VAL D 212 12.31 -9.13 28.93
N LYS D 213 13.56 -8.67 28.82
CA LYS D 213 13.92 -7.35 29.31
C LYS D 213 14.02 -6.39 28.11
N LEU D 214 13.20 -5.35 28.12
CA LEU D 214 13.04 -4.47 26.96
C LEU D 214 13.55 -3.07 27.27
N TYR D 215 14.07 -2.38 26.27
CA TYR D 215 14.61 -1.04 26.45
C TYR D 215 14.30 -0.16 25.24
N GLU D 216 13.95 1.10 25.49
CA GLU D 216 13.76 2.07 24.40
C GLU D 216 14.39 3.42 24.74
N HIS D 217 15.01 4.01 23.73
CA HIS D 217 15.51 5.38 23.82
C HIS D 217 14.89 6.17 22.67
N ALA D 218 14.25 7.30 22.98
CA ALA D 218 13.63 8.13 21.95
C ALA D 218 13.92 9.61 22.16
N VAL D 219 14.15 10.32 21.06
CA VAL D 219 14.51 11.74 21.10
C VAL D 219 13.79 12.49 19.98
N ALA D 220 13.01 13.50 20.33
CA ALA D 220 12.30 14.30 19.34
C ALA D 220 13.22 15.38 18.79
N HIS D 221 13.10 15.67 17.50
CA HIS D 221 13.92 16.72 16.87
C HIS D 221 13.27 17.27 15.61
N SER D 222 13.88 18.32 15.04
CA SER D 222 13.30 19.03 13.90
C SER D 222 13.87 18.57 12.57
N GLY D 223 14.78 17.60 12.59
CA GLY D 223 15.47 17.18 11.38
C GLY D 223 16.53 18.18 10.96
N LEU D 224 17.13 17.96 9.79
CA LEU D 224 18.16 18.87 9.28
C LEU D 224 17.57 20.24 8.90
N PRO D 225 18.37 21.31 9.02
CA PRO D 225 19.77 21.29 9.49
C PRO D 225 19.91 21.37 11.00
N ASP D 226 18.80 21.46 11.73
CA ASP D 226 18.82 21.76 13.16
C ASP D 226 19.53 20.72 14.04
N ASN D 227 19.10 19.47 13.96
CA ASN D 227 19.65 18.40 14.79
C ASN D 227 21.15 18.18 14.58
S SO4 E . 13.65 6.92 -21.70
O1 SO4 E . 13.17 5.97 -22.69
O2 SO4 E . 14.26 6.19 -20.59
O3 SO4 E . 12.55 7.73 -21.20
O4 SO4 E . 14.66 7.79 -22.31
S SO4 F . 11.35 -19.05 -32.31
O1 SO4 F . 10.74 -19.57 -31.06
O2 SO4 F . 11.23 -20.08 -33.38
O3 SO4 F . 12.78 -18.76 -32.07
O4 SO4 F . 10.66 -17.81 -32.72
S SO4 G . -16.45 17.94 -19.05
O1 SO4 G . -15.18 17.25 -19.25
O2 SO4 G . -17.52 17.17 -19.66
O3 SO4 G . -16.39 19.27 -19.67
O4 SO4 G . -16.71 18.08 -17.61
S SO3 H . -9.72 -17.42 -28.00
O1 SO3 H . -8.37 -16.99 -29.10
O2 SO3 H . -10.52 -18.70 -28.98
O3 SO3 H . -8.84 -18.43 -26.80
S SO4 I . -15.50 12.22 -5.65
O1 SO4 I . -16.18 11.58 -6.78
O2 SO4 I . -14.88 11.21 -4.80
O3 SO4 I . -16.46 13.00 -4.88
O4 SO4 I . -14.47 13.11 -6.16
S SO3 J . -31.80 -9.04 -4.14
O1 SO3 J . -33.02 -7.80 -3.66
O2 SO3 J . -32.31 -9.34 -5.84
O3 SO3 J . -30.37 -7.99 -4.41
S SO4 K . 3.56 -19.88 -2.88
O1 SO4 K . 4.52 -20.70 -3.59
O2 SO4 K . 2.22 -20.48 -2.98
O3 SO4 K . 3.95 -19.78 -1.47
O4 SO4 K . 3.54 -18.53 -3.45
S SO4 L . -36.98 2.95 14.66
O1 SO4 L . -36.88 1.59 14.13
O2 SO4 L . -38.38 3.35 14.68
O3 SO4 L . -36.43 3.00 16.01
O4 SO4 L . -36.24 3.85 13.78
S SO4 M . -2.72 -29.18 6.65
O1 SO4 M . -3.69 -29.95 5.88
O2 SO4 M . -1.75 -30.10 7.24
O3 SO4 M . -3.41 -28.42 7.71
O4 SO4 M . -2.03 -28.24 5.78
S SO4 N . 7.09 11.27 -23.10
O1 SO4 N . 7.56 10.97 -24.46
O2 SO4 N . 6.36 10.12 -22.56
O3 SO4 N . 8.25 11.55 -22.24
O4 SO4 N . 6.22 12.44 -23.11
S SO4 O . 8.76 36.67 -12.06
O1 SO4 O . 10.11 36.05 -11.95
O2 SO4 O . 7.86 35.78 -12.81
O3 SO4 O . 8.89 37.97 -12.76
O4 SO4 O . 8.22 36.91 -10.69
S SO4 P . 26.47 -5.06 -5.86
O1 SO4 P . 25.06 -4.98 -5.50
O2 SO4 P . 26.60 -5.70 -7.17
O3 SO4 P . 27.20 -5.84 -4.86
O4 SO4 P . 27.04 -3.71 -5.92
S SO3 Q . 17.84 25.31 5.91
O1 SO3 Q . 17.51 24.21 5.00
O2 SO3 Q . 17.02 26.47 5.61
O3 SO3 Q . 19.26 25.66 5.74
S SO4 R . -11.12 -5.42 23.80
O1 SO4 R . -11.66 -6.59 23.12
O2 SO4 R . -9.85 -5.05 23.17
O3 SO4 R . -10.90 -5.73 25.21
O4 SO4 R . -12.06 -4.31 23.66
S SO4 S . -5.93 17.80 7.60
O1 SO4 S . -6.80 16.62 7.45
O2 SO4 S . -4.73 17.59 6.81
O3 SO4 S . -6.64 18.98 7.12
O4 SO4 S . -5.58 17.97 9.01
S SO4 T . -9.85 -12.48 21.55
O1 SO4 T . -10.12 -13.73 20.84
O2 SO4 T . -9.99 -11.37 20.61
O3 SO4 T . -8.48 -12.52 22.07
O4 SO4 T . -10.81 -12.34 22.65
S SO4 U . 16.26 -20.46 29.33
O1 SO4 U . 16.94 -21.72 29.05
O2 SO4 U . 14.88 -20.53 28.84
O3 SO4 U . 16.24 -20.22 30.78
O4 SO4 U . 16.95 -19.36 28.65
S SO4 V . -10.18 17.66 21.16
O1 SO4 V . -8.98 16.94 20.73
O2 SO4 V . -10.97 18.02 19.98
O3 SO4 V . -9.78 18.88 21.86
O4 SO4 V . -10.97 16.81 22.04
S SO3 W . 22.93 0.34 23.48
O1 SO3 W . 24.24 -0.23 23.83
O2 SO3 W . 22.92 1.76 23.82
O3 SO3 W . 22.68 0.16 22.05
#